data_3C79
#
_entry.id   3C79
#
_cell.length_a   85.390
_cell.length_b   116.286
_cell.length_c   132.463
_cell.angle_alpha   90.00
_cell.angle_beta   90.00
_cell.angle_gamma   90.00
#
_symmetry.space_group_name_H-M   'P 21 21 21'
#
loop_
_entity.id
_entity.type
_entity.pdbx_description
1 polymer 'Soluble acetylcholine receptor'
2 non-polymer (2E)-1-[(6-chloropyridin-3-yl)methyl]-N-nitroimidazolidin-2-imine
3 non-polymer 'ISOPROPYL ALCOHOL'
4 water water
#
_entity_poly.entity_id   1
_entity_poly.type   'polypeptide(L)'
_entity_poly.pdbx_seq_one_letter_code
;YKDDDDKLHSQANLMRLKSDLFNRSPMYPGPTKDDPLTVTLGFTLQDIVKADSSTNEVDLVYYEQQRWKLNSLMWDPNEY
GNITDFRTSAADIWTPDITAYSSTRPVQVLSPQIAVVTHDGSVMFIPAQRLSFMCDPTGVDSEEGATCAVKFGSWVYSGF
EIDLKTDTDQVDLSSYYASSKYEILSATQTRQVQHYSCCPEPYIDVNLVVKFRERRAGNGFFRNLFD
;
_entity_poly.pdbx_strand_id   A,B,C,D,E
#
# COMPACT_ATOMS: atom_id res chain seq x y z
N ASP A 6 -36.98 -20.97 -3.44
CA ASP A 6 -37.29 -19.63 -4.01
C ASP A 6 -36.10 -18.71 -4.03
N LYS A 7 -35.70 -18.24 -2.84
CA LYS A 7 -34.45 -17.47 -2.61
C LYS A 7 -33.21 -18.28 -2.90
N LEU A 8 -33.28 -19.57 -2.63
CA LEU A 8 -32.40 -20.50 -3.32
C LEU A 8 -32.42 -20.39 -4.89
N HIS A 9 -33.59 -20.28 -5.53
CA HIS A 9 -33.63 -20.02 -7.00
C HIS A 9 -33.14 -18.62 -7.48
N SER A 10 -33.43 -17.55 -6.72
CA SER A 10 -32.99 -16.23 -7.10
C SER A 10 -31.48 -16.18 -7.06
N GLN A 11 -30.90 -16.99 -6.19
CA GLN A 11 -29.48 -16.95 -6.03
C GLN A 11 -28.83 -17.80 -7.06
N ALA A 12 -29.54 -18.86 -7.40
CA ALA A 12 -29.11 -19.78 -8.41
C ALA A 12 -28.96 -18.97 -9.69
N ASN A 13 -30.01 -18.19 -9.96
CA ASN A 13 -30.18 -17.44 -11.18
C ASN A 13 -29.13 -16.33 -11.29
N LEU A 14 -28.92 -15.61 -10.19
CA LEU A 14 -27.93 -14.58 -10.17
C LEU A 14 -26.54 -15.16 -10.44
N MET A 15 -26.27 -16.29 -9.80
CA MET A 15 -24.99 -16.95 -9.96
C MET A 15 -24.83 -17.48 -11.34
N ARG A 16 -25.91 -17.92 -11.93
CA ARG A 16 -25.79 -18.41 -13.30
C ARG A 16 -25.42 -17.23 -14.23
N LEU A 17 -26.13 -16.10 -14.05
CA LEU A 17 -25.98 -14.96 -14.90
C LEU A 17 -24.57 -14.41 -14.80
N LYS A 18 -24.09 -14.19 -13.57
CA LYS A 18 -22.75 -13.70 -13.41
C LYS A 18 -21.70 -14.58 -14.11
N SER A 19 -21.77 -15.89 -13.88
CA SER A 19 -21.00 -16.89 -14.65
C SER A 19 -21.04 -16.71 -16.16
N ASP A 20 -22.22 -16.43 -16.68
CA ASP A 20 -22.32 -16.29 -18.12
C ASP A 20 -21.66 -15.05 -18.66
N LEU A 21 -21.77 -13.93 -17.96
CA LEU A 21 -21.18 -12.73 -18.55
C LEU A 21 -19.66 -12.73 -18.46
N PHE A 22 -19.18 -13.21 -17.31
CA PHE A 22 -17.78 -13.08 -16.99
C PHE A 22 -17.00 -14.19 -17.63
N ASN A 23 -17.60 -15.35 -17.77
CA ASN A 23 -16.84 -16.47 -18.29
C ASN A 23 -17.05 -16.69 -19.75
N ARG A 24 -17.79 -17.72 -20.11
CA ARG A 24 -18.65 -17.61 -21.26
C ARG A 24 -18.54 -16.17 -21.79
N SER A 25 -17.74 -16.01 -22.85
CA SER A 25 -17.29 -14.69 -23.28
C SER A 25 -16.41 -13.97 -22.25
N PRO A 26 -15.11 -14.26 -22.30
CA PRO A 26 -14.18 -13.81 -21.26
C PRO A 26 -14.19 -12.30 -21.08
N MET A 27 -13.03 -11.67 -21.24
CA MET A 27 -12.78 -10.40 -20.60
C MET A 27 -12.62 -9.30 -21.65
N TYR A 28 -13.28 -8.18 -21.44
CA TYR A 28 -13.63 -7.27 -22.52
C TYR A 28 -12.49 -6.33 -22.69
N PRO A 29 -11.98 -6.28 -23.92
CA PRO A 29 -10.66 -5.65 -24.18
C PRO A 29 -10.70 -4.12 -24.08
N GLY A 30 -11.82 -3.56 -23.68
CA GLY A 30 -11.97 -2.12 -23.63
C GLY A 30 -12.43 -1.70 -25.05
N PRO A 31 -12.71 -0.44 -25.18
CA PRO A 31 -13.27 0.24 -26.31
C PRO A 31 -12.21 0.49 -27.38
N THR A 32 -12.65 0.57 -28.66
CA THR A 32 -11.78 0.79 -29.74
C THR A 32 -12.40 1.76 -30.68
N LYS A 33 -11.64 2.08 -31.71
CA LYS A 33 -12.10 3.00 -32.69
C LYS A 33 -13.35 2.38 -33.32
N ASP A 34 -13.39 1.05 -33.54
CA ASP A 34 -14.56 0.38 -34.13
C ASP A 34 -15.62 -0.03 -33.16
N ASP A 35 -15.32 0.02 -31.84
CA ASP A 35 -16.28 -0.28 -30.77
C ASP A 35 -16.18 0.84 -29.72
N PRO A 36 -16.61 2.08 -30.06
CA PRO A 36 -16.38 3.20 -29.12
C PRO A 36 -17.41 3.25 -28.03
N LEU A 37 -17.39 4.26 -27.17
CA LEU A 37 -18.06 4.17 -25.89
C LEU A 37 -18.24 5.58 -25.33
N THR A 38 -19.41 5.89 -24.79
CA THR A 38 -19.58 7.22 -24.25
C THR A 38 -19.74 6.96 -22.81
N VAL A 39 -19.02 7.70 -21.97
CA VAL A 39 -19.16 7.64 -20.54
C VAL A 39 -19.83 8.97 -20.11
N THR A 40 -20.91 8.92 -19.34
CA THR A 40 -21.51 10.11 -18.78
C THR A 40 -20.90 10.28 -17.44
N LEU A 41 -20.55 11.50 -17.09
CA LEU A 41 -19.99 11.85 -15.80
C LEU A 41 -20.70 13.05 -15.17
N GLY A 42 -20.87 13.01 -13.86
CA GLY A 42 -21.54 14.05 -13.05
C GLY A 42 -20.80 14.02 -11.71
N PHE A 43 -20.35 15.17 -11.21
CA PHE A 43 -19.73 15.25 -9.92
C PHE A 43 -20.69 15.68 -8.86
N THR A 44 -20.38 15.26 -7.64
CA THR A 44 -21.10 15.73 -6.43
C THR A 44 -20.02 16.23 -5.48
N LEU A 45 -20.06 17.48 -5.13
CA LEU A 45 -18.96 18.00 -4.36
C LEU A 45 -19.37 17.93 -2.94
N GLN A 46 -18.61 17.25 -2.09
CA GLN A 46 -18.96 17.08 -0.66
C GLN A 46 -18.25 18.10 0.27
N ASP A 47 -16.97 18.28 0.05
CA ASP A 47 -16.17 19.13 0.92
C ASP A 47 -14.94 19.66 0.21
N ILE A 48 -14.68 20.97 0.34
CA ILE A 48 -13.36 21.45 0.12
C ILE A 48 -12.71 21.39 1.48
N VAL A 49 -11.75 20.51 1.68
CA VAL A 49 -11.18 20.21 2.97
C VAL A 49 -10.05 21.12 3.37
N LYS A 50 -9.17 21.41 2.41
CA LYS A 50 -8.03 22.28 2.69
C LYS A 50 -7.58 22.98 1.47
N ALA A 51 -7.06 24.17 1.72
CA ALA A 51 -6.51 24.98 0.64
C ALA A 51 -5.13 25.45 1.10
N ASP A 52 -4.07 24.98 0.47
CA ASP A 52 -2.78 25.23 1.03
C ASP A 52 -2.10 26.32 0.22
N SER A 53 -1.95 27.51 0.78
CA SER A 53 -1.33 28.58 -0.01
C SER A 53 0.19 28.65 0.02
N SER A 54 0.80 27.78 0.82
CA SER A 54 2.19 27.71 0.76
C SER A 54 2.59 26.79 -0.42
N THR A 55 1.67 25.92 -0.94
CA THR A 55 1.96 25.12 -2.17
C THR A 55 1.01 25.21 -3.44
N ASN A 56 -0.02 26.02 -3.32
CA ASN A 56 -1.12 26.00 -4.22
C ASN A 56 -1.62 24.63 -4.60
N GLU A 57 -2.09 23.95 -3.58
CA GLU A 57 -2.82 22.71 -3.76
C GLU A 57 -4.16 22.84 -3.04
N VAL A 58 -5.22 22.29 -3.61
CA VAL A 58 -6.48 22.26 -2.85
C VAL A 58 -6.97 20.81 -2.74
N ASP A 59 -7.55 20.42 -1.61
CA ASP A 59 -8.12 19.05 -1.47
C ASP A 59 -9.66 19.05 -1.52
N LEU A 60 -10.22 18.22 -2.40
CA LEU A 60 -11.67 18.08 -2.55
C LEU A 60 -12.01 16.70 -2.21
N VAL A 61 -13.17 16.58 -1.55
CA VAL A 61 -13.83 15.34 -1.43
C VAL A 61 -15.06 15.36 -2.25
N TYR A 62 -15.21 14.36 -3.12
CA TYR A 62 -16.40 14.32 -3.95
C TYR A 62 -16.73 12.93 -4.43
N TYR A 63 -17.91 12.71 -4.97
CA TYR A 63 -18.10 11.50 -5.73
C TYR A 63 -18.34 11.80 -7.16
N GLU A 64 -18.01 10.80 -7.94
CA GLU A 64 -18.06 10.99 -9.33
C GLU A 64 -19.00 9.94 -9.99
N GLN A 65 -20.14 10.36 -10.52
CA GLN A 65 -21.05 9.40 -11.15
C GLN A 65 -20.56 9.00 -12.55
N GLN A 66 -20.37 7.72 -12.80
CA GLN A 66 -19.91 7.27 -14.13
C GLN A 66 -20.91 6.32 -14.68
N ARG A 67 -21.43 6.58 -15.88
CA ARG A 67 -22.30 5.63 -16.64
C ARG A 67 -21.79 5.39 -18.03
N TRP A 68 -21.97 4.15 -18.47
CA TRP A 68 -21.61 3.71 -19.82
C TRP A 68 -22.42 2.46 -20.06
N LYS A 69 -22.28 1.87 -21.24
CA LYS A 69 -23.15 0.81 -21.70
C LYS A 69 -22.34 -0.16 -22.58
N LEU A 70 -22.30 -1.44 -22.25
CA LEU A 70 -21.56 -2.37 -23.06
C LEU A 70 -22.55 -3.35 -23.60
N ASN A 71 -22.43 -3.67 -24.87
CA ASN A 71 -23.40 -4.58 -25.44
C ASN A 71 -23.19 -5.95 -24.88
N SER A 72 -21.93 -6.28 -24.61
CA SER A 72 -21.61 -7.59 -24.12
C SER A 72 -22.06 -7.80 -22.65
N LEU A 73 -22.64 -6.78 -22.00
CA LEU A 73 -23.27 -6.92 -20.71
C LEU A 73 -24.80 -7.06 -20.73
N MET A 74 -25.40 -7.17 -21.90
CA MET A 74 -26.86 -7.31 -21.97
C MET A 74 -27.25 -8.71 -21.64
N TRP A 75 -28.42 -8.86 -21.07
CA TRP A 75 -29.01 -10.19 -20.93
C TRP A 75 -30.51 -10.04 -20.98
N ASP A 76 -31.21 -11.15 -21.24
CA ASP A 76 -32.67 -11.13 -21.16
C ASP A 76 -33.09 -11.64 -19.80
N PRO A 77 -33.62 -10.74 -18.96
CA PRO A 77 -34.11 -10.99 -17.59
C PRO A 77 -34.98 -12.26 -17.47
N ASN A 78 -35.76 -12.56 -18.53
CA ASN A 78 -36.52 -13.77 -18.67
C ASN A 78 -35.72 -15.11 -18.69
N GLU A 79 -34.51 -15.06 -19.21
CA GLU A 79 -33.67 -16.25 -19.22
C GLU A 79 -33.07 -16.51 -17.86
N TYR A 80 -33.45 -15.68 -16.90
CA TYR A 80 -32.62 -15.42 -15.74
C TYR A 80 -33.45 -14.93 -14.56
N GLY A 81 -34.70 -15.35 -14.49
CA GLY A 81 -35.40 -15.31 -13.23
C GLY A 81 -35.98 -13.95 -12.95
N ASN A 82 -36.08 -13.15 -13.99
CA ASN A 82 -36.44 -11.70 -13.86
C ASN A 82 -35.48 -10.71 -13.15
N ILE A 83 -34.23 -11.16 -12.95
CA ILE A 83 -33.07 -10.33 -12.58
C ILE A 83 -32.94 -9.24 -13.61
N THR A 84 -33.18 -8.00 -13.20
CA THR A 84 -33.01 -6.85 -14.11
C THR A 84 -31.65 -6.17 -13.85
N ASP A 85 -31.10 -6.32 -12.63
CA ASP A 85 -29.80 -5.77 -12.33
C ASP A 85 -29.04 -6.55 -11.22
N PHE A 86 -27.73 -6.32 -11.14
CA PHE A 86 -27.04 -6.76 -9.93
C PHE A 86 -25.92 -5.80 -9.63
N ARG A 87 -25.52 -5.85 -8.38
CA ARG A 87 -24.28 -5.27 -7.93
C ARG A 87 -23.13 -6.20 -8.15
N THR A 88 -21.94 -5.68 -8.37
CA THR A 88 -20.79 -6.51 -8.64
C THR A 88 -19.54 -5.73 -8.30
N SER A 89 -18.52 -6.43 -7.83
CA SER A 89 -17.22 -5.80 -7.62
C SER A 89 -16.69 -5.15 -8.92
N ALA A 90 -16.09 -3.99 -8.82
CA ALA A 90 -15.64 -3.26 -10.03
C ALA A 90 -14.48 -3.92 -10.71
N ALA A 91 -13.72 -4.75 -10.02
CA ALA A 91 -12.67 -5.55 -10.63
C ALA A 91 -13.30 -6.65 -11.55
N ASP A 92 -14.54 -7.11 -11.37
CA ASP A 92 -15.02 -8.12 -12.32
C ASP A 92 -15.34 -7.53 -13.74
N ILE A 93 -15.32 -6.23 -13.90
CA ILE A 93 -15.73 -5.62 -15.12
C ILE A 93 -14.76 -4.57 -15.53
N TRP A 94 -14.78 -4.20 -16.79
CA TRP A 94 -13.98 -3.12 -17.27
C TRP A 94 -14.48 -1.74 -16.74
N THR A 95 -13.60 -0.84 -16.36
CA THR A 95 -14.09 0.47 -15.95
C THR A 95 -13.19 1.49 -16.65
N PRO A 96 -13.72 2.69 -16.85
CA PRO A 96 -12.95 3.75 -17.49
C PRO A 96 -11.88 4.34 -16.59
N ASP A 97 -10.79 4.77 -17.20
CA ASP A 97 -9.63 5.26 -16.50
C ASP A 97 -9.70 6.76 -16.34
N ILE A 98 -10.78 7.24 -15.75
CA ILE A 98 -10.98 8.66 -15.61
C ILE A 98 -10.01 9.30 -14.65
N THR A 99 -9.24 10.24 -15.16
CA THR A 99 -8.10 10.76 -14.40
C THR A 99 -8.13 12.26 -14.39
N ALA A 100 -7.77 12.83 -13.25
CA ALA A 100 -7.66 14.30 -13.06
C ALA A 100 -6.37 14.58 -13.71
N TYR A 101 -6.25 15.70 -14.43
CA TYR A 101 -5.09 16.02 -15.23
C TYR A 101 -4.09 16.87 -14.46
N SER A 102 -4.54 17.52 -13.37
CA SER A 102 -3.69 18.33 -12.55
C SER A 102 -3.60 17.92 -11.05
N SER A 103 -3.70 16.66 -10.82
CA SER A 103 -3.64 16.15 -9.45
C SER A 103 -2.17 16.25 -9.03
N THR A 104 -1.92 16.37 -7.73
CA THR A 104 -0.58 16.50 -7.23
C THR A 104 -0.20 15.33 -6.25
N ARG A 105 -1.17 14.41 -6.06
N ARG A 105 -1.11 14.38 -6.06
CA ARG A 105 -1.10 13.24 -5.20
CA ARG A 105 -0.88 13.21 -5.23
C ARG A 105 -1.89 12.13 -5.85
C ARG A 105 -1.91 12.18 -5.69
N PRO A 106 -1.60 10.87 -5.47
CA PRO A 106 -2.52 9.83 -5.97
C PRO A 106 -3.92 10.03 -5.33
N VAL A 107 -4.95 9.88 -6.15
CA VAL A 107 -6.29 9.97 -5.65
C VAL A 107 -6.57 8.95 -4.52
N GLN A 108 -7.20 9.35 -3.46
CA GLN A 108 -7.55 8.30 -2.47
C GLN A 108 -9.04 7.87 -2.53
N VAL A 109 -9.27 6.58 -2.53
CA VAL A 109 -10.61 6.10 -2.79
C VAL A 109 -11.40 5.99 -1.50
N LEU A 110 -12.60 6.54 -1.45
CA LEU A 110 -13.32 6.57 -0.15
C LEU A 110 -14.51 5.68 -0.09
N SER A 111 -14.84 5.03 -1.21
CA SER A 111 -16.04 4.24 -1.21
C SER A 111 -15.69 2.88 -1.71
N PRO A 112 -16.47 1.88 -1.38
CA PRO A 112 -16.13 0.54 -1.92
C PRO A 112 -16.21 0.44 -3.43
N GLN A 113 -15.48 -0.47 -3.99
CA GLN A 113 -15.37 -0.49 -5.42
C GLN A 113 -16.35 -1.49 -6.00
N ILE A 114 -17.63 -1.06 -6.04
CA ILE A 114 -18.74 -1.93 -6.43
C ILE A 114 -19.58 -1.16 -7.45
N ALA A 115 -20.01 -1.85 -8.52
CA ALA A 115 -20.78 -1.15 -9.51
C ALA A 115 -22.09 -1.80 -9.58
N VAL A 116 -23.01 -1.15 -10.31
CA VAL A 116 -24.32 -1.74 -10.63
C VAL A 116 -24.45 -1.94 -12.15
N VAL A 117 -24.76 -3.20 -12.53
CA VAL A 117 -25.02 -3.56 -13.90
C VAL A 117 -26.47 -3.91 -14.18
N THR A 118 -27.04 -3.31 -15.22
CA THR A 118 -28.42 -3.37 -15.60
C THR A 118 -28.55 -4.15 -16.94
N HIS A 119 -29.68 -4.82 -17.16
CA HIS A 119 -29.84 -5.79 -18.24
C HIS A 119 -29.73 -5.23 -19.66
N ASP A 120 -29.92 -3.93 -19.84
CA ASP A 120 -29.73 -3.33 -21.14
C ASP A 120 -28.23 -3.15 -21.33
N GLY A 121 -27.41 -3.62 -20.40
CA GLY A 121 -25.96 -3.49 -20.56
C GLY A 121 -25.31 -2.24 -19.95
N SER A 122 -26.11 -1.36 -19.36
CA SER A 122 -25.61 -0.15 -18.76
C SER A 122 -25.10 -0.37 -17.34
N VAL A 123 -24.00 0.32 -17.05
CA VAL A 123 -23.28 0.25 -15.79
C VAL A 123 -23.26 1.63 -15.01
N MET A 124 -23.58 1.63 -13.73
CA MET A 124 -23.38 2.85 -12.89
C MET A 124 -22.27 2.54 -11.92
N PHE A 125 -21.35 3.46 -11.75
CA PHE A 125 -20.25 3.31 -10.79
C PHE A 125 -20.06 4.70 -10.19
N ILE A 126 -20.07 4.78 -8.86
CA ILE A 126 -19.99 6.07 -8.22
C ILE A 126 -18.92 6.13 -7.16
N PRO A 127 -17.64 6.19 -7.56
CA PRO A 127 -16.63 6.22 -6.51
C PRO A 127 -16.51 7.56 -5.82
N ALA A 128 -16.36 7.53 -4.49
CA ALA A 128 -16.03 8.75 -3.72
C ALA A 128 -14.52 8.83 -3.53
N GLN A 129 -13.98 10.05 -3.57
CA GLN A 129 -12.53 10.24 -3.64
C GLN A 129 -12.13 11.48 -2.91
N ARG A 130 -10.89 11.43 -2.42
CA ARG A 130 -10.20 12.63 -2.04
C ARG A 130 -9.12 12.94 -3.04
N LEU A 131 -9.07 14.18 -3.51
CA LEU A 131 -8.13 14.61 -4.56
C LEU A 131 -7.39 15.88 -4.11
N SER A 132 -6.07 15.91 -4.29
CA SER A 132 -5.29 17.18 -4.25
C SER A 132 -4.92 17.54 -5.66
N PHE A 133 -5.10 18.81 -6.00
CA PHE A 133 -4.92 19.33 -7.40
C PHE A 133 -4.41 20.79 -7.37
N MET A 134 -3.88 21.20 -8.51
CA MET A 134 -3.16 22.44 -8.66
C MET A 134 -4.14 23.58 -8.61
N CYS A 135 -4.02 24.41 -7.60
CA CYS A 135 -5.02 25.44 -7.40
C CYS A 135 -4.46 26.55 -6.49
N ASP A 136 -4.61 27.79 -6.91
CA ASP A 136 -4.05 28.94 -6.18
C ASP A 136 -5.19 29.59 -5.45
N PRO A 137 -5.22 29.53 -4.11
CA PRO A 137 -6.41 29.90 -3.34
C PRO A 137 -6.48 31.40 -3.04
N THR A 138 -5.54 32.18 -3.55
CA THR A 138 -5.66 33.65 -3.48
C THR A 138 -7.05 34.17 -3.82
N GLY A 139 -7.56 35.00 -2.91
CA GLY A 139 -8.88 35.66 -3.04
C GLY A 139 -9.88 34.93 -2.16
N VAL A 140 -9.45 33.83 -1.56
CA VAL A 140 -10.36 32.98 -0.84
C VAL A 140 -11.01 33.66 0.33
N ASP A 141 -10.28 34.59 0.95
CA ASP A 141 -10.77 35.42 2.06
C ASP A 141 -11.43 36.69 1.65
N SER A 142 -11.65 36.88 0.35
CA SER A 142 -12.30 38.07 -0.12
C SER A 142 -13.73 37.65 -0.45
N GLU A 143 -14.52 38.62 -0.84
CA GLU A 143 -15.89 38.36 -1.19
C GLU A 143 -15.95 37.61 -2.50
N GLU A 144 -15.06 37.93 -3.43
CA GLU A 144 -15.04 37.30 -4.77
C GLU A 144 -14.60 35.85 -4.76
N GLY A 145 -13.82 35.49 -3.75
CA GLY A 145 -13.45 34.13 -3.54
C GLY A 145 -12.36 33.79 -4.52
N ALA A 146 -11.96 32.51 -4.51
CA ALA A 146 -10.98 32.02 -5.41
C ALA A 146 -11.65 31.15 -6.45
N THR A 147 -10.99 30.88 -7.56
CA THR A 147 -11.56 30.08 -8.60
C THR A 147 -10.50 29.05 -8.96
N CYS A 148 -10.83 27.77 -8.98
CA CYS A 148 -9.91 26.77 -9.49
C CYS A 148 -10.60 25.85 -10.48
N ALA A 149 -9.83 25.18 -11.32
CA ALA A 149 -10.36 24.28 -12.33
C ALA A 149 -9.52 23.01 -12.39
N VAL A 150 -10.17 21.88 -12.66
CA VAL A 150 -9.42 20.69 -12.88
C VAL A 150 -10.13 19.82 -13.91
N LYS A 151 -9.37 19.30 -14.87
CA LYS A 151 -9.89 18.52 -16.01
C LYS A 151 -9.92 17.04 -15.71
N PHE A 152 -11.01 16.37 -16.08
CA PHE A 152 -11.06 14.90 -15.91
C PHE A 152 -11.36 14.22 -17.23
N GLY A 153 -10.75 13.05 -17.47
CA GLY A 153 -11.01 12.28 -18.67
C GLY A 153 -10.14 11.07 -18.87
N SER A 154 -10.35 10.30 -19.93
CA SER A 154 -9.50 9.13 -20.08
C SER A 154 -8.07 9.61 -20.20
N TRP A 155 -7.11 8.94 -19.59
CA TRP A 155 -5.68 9.33 -19.82
C TRP A 155 -5.17 8.74 -21.14
N VAL A 156 -5.70 7.60 -21.56
CA VAL A 156 -5.09 6.94 -22.71
C VAL A 156 -5.95 6.77 -23.94
N TYR A 157 -7.25 7.06 -23.84
CA TYR A 157 -8.18 6.81 -24.90
C TYR A 157 -8.65 8.13 -25.51
N SER A 158 -8.43 8.25 -26.82
CA SER A 158 -8.84 9.40 -27.58
C SER A 158 -10.36 9.38 -27.65
N GLY A 159 -10.90 10.50 -28.04
CA GLY A 159 -12.32 10.71 -28.29
C GLY A 159 -12.98 9.72 -29.22
N PHE A 160 -12.20 9.11 -30.12
CA PHE A 160 -12.70 8.07 -31.05
C PHE A 160 -12.88 6.75 -30.32
N GLU A 161 -12.28 6.57 -29.13
CA GLU A 161 -12.60 5.38 -28.30
C GLU A 161 -13.52 5.67 -27.10
N ILE A 162 -13.28 6.74 -26.34
CA ILE A 162 -14.14 7.14 -25.21
C ILE A 162 -14.44 8.58 -25.47
N ASP A 163 -15.73 8.86 -25.66
CA ASP A 163 -16.27 10.17 -25.60
C ASP A 163 -16.88 10.33 -24.20
N LEU A 164 -16.97 11.56 -23.73
CA LEU A 164 -17.64 11.86 -22.42
C LEU A 164 -18.84 12.73 -22.68
N LYS A 165 -19.83 12.64 -21.79
CA LYS A 165 -20.84 13.67 -21.81
C LYS A 165 -21.25 13.91 -20.40
N THR A 166 -21.84 15.06 -20.11
CA THR A 166 -22.46 15.34 -18.82
C THR A 166 -23.98 15.40 -18.99
N ASP A 167 -24.75 15.19 -17.93
CA ASP A 167 -26.22 15.42 -17.99
C ASP A 167 -26.56 16.85 -17.75
N THR A 168 -25.64 17.55 -17.14
CA THR A 168 -25.95 18.93 -16.84
C THR A 168 -24.62 19.57 -16.60
N ASP A 169 -24.56 20.88 -16.72
CA ASP A 169 -23.33 21.53 -16.52
C ASP A 169 -23.19 22.02 -15.07
N GLN A 170 -24.21 21.85 -14.26
CA GLN A 170 -24.16 22.22 -12.82
C GLN A 170 -23.67 21.04 -11.97
N VAL A 171 -22.55 21.19 -11.26
CA VAL A 171 -22.12 20.25 -10.27
C VAL A 171 -23.17 20.10 -9.18
N ASP A 172 -23.42 18.87 -8.72
CA ASP A 172 -24.43 18.66 -7.65
C ASP A 172 -23.90 19.11 -6.24
N LEU A 173 -24.49 20.18 -5.68
CA LEU A 173 -24.09 20.81 -4.41
C LEU A 173 -25.05 20.40 -3.27
N SER A 174 -26.00 19.55 -3.56
CA SER A 174 -27.03 19.29 -2.60
C SER A 174 -26.51 18.56 -1.34
N SER A 175 -25.35 17.87 -1.42
CA SER A 175 -24.63 17.25 -0.27
C SER A 175 -23.38 17.97 0.16
N TYR A 176 -23.19 19.21 -0.26
CA TYR A 176 -21.99 19.89 0.18
C TYR A 176 -21.99 19.99 1.71
N TYR A 177 -20.86 19.75 2.37
CA TYR A 177 -20.83 19.77 3.83
C TYR A 177 -21.15 21.20 4.33
N ALA A 178 -22.27 21.35 5.01
CA ALA A 178 -22.69 22.70 5.46
C ALA A 178 -21.76 23.42 6.47
N SER A 179 -20.84 22.74 7.14
CA SER A 179 -19.92 23.44 8.02
C SER A 179 -18.46 23.38 7.61
N SER A 180 -18.25 23.23 6.31
CA SER A 180 -16.94 23.37 5.69
C SER A 180 -16.27 24.71 5.95
N LYS A 181 -14.95 24.70 6.00
CA LYS A 181 -14.20 25.93 6.06
C LYS A 181 -14.54 26.81 4.89
N TYR A 182 -15.00 26.20 3.81
CA TYR A 182 -15.24 26.94 2.58
C TYR A 182 -16.62 26.76 2.01
N GLU A 183 -17.18 27.88 1.55
CA GLU A 183 -18.45 27.83 0.82
C GLU A 183 -18.21 27.88 -0.65
N ILE A 184 -19.17 27.33 -1.39
CA ILE A 184 -19.06 27.29 -2.79
C ILE A 184 -19.94 28.33 -3.36
N LEU A 185 -19.38 29.20 -4.18
CA LEU A 185 -20.16 30.23 -4.81
C LEU A 185 -20.69 29.75 -6.17
N SER A 186 -19.98 28.80 -6.77
CA SER A 186 -20.49 28.10 -7.94
C SER A 186 -19.59 26.94 -8.34
N ALA A 187 -20.09 26.15 -9.27
CA ALA A 187 -19.50 24.86 -9.53
C ALA A 187 -20.09 24.26 -10.78
N THR A 188 -19.27 24.20 -11.83
CA THR A 188 -19.72 23.77 -13.13
C THR A 188 -18.88 22.64 -13.66
N GLN A 189 -19.43 21.88 -14.60
CA GLN A 189 -18.68 20.81 -15.24
C GLN A 189 -19.10 20.93 -16.71
N THR A 190 -18.12 20.97 -17.60
CA THR A 190 -18.33 21.33 -19.01
C THR A 190 -17.44 20.44 -19.85
N ARG A 191 -18.00 19.85 -20.88
CA ARG A 191 -17.27 18.97 -21.75
C ARG A 191 -16.32 19.75 -22.61
N GLN A 192 -15.10 19.27 -22.78
CA GLN A 192 -14.13 19.88 -23.70
C GLN A 192 -13.39 18.86 -24.54
N VAL A 193 -12.73 19.39 -25.58
CA VAL A 193 -11.97 18.64 -26.55
C VAL A 193 -10.53 19.15 -26.51
N GLN A 194 -9.57 18.23 -26.30
CA GLN A 194 -8.17 18.58 -26.05
C GLN A 194 -7.27 17.97 -27.05
N HIS A 195 -6.19 18.61 -27.43
CA HIS A 195 -5.20 17.91 -28.25
C HIS A 195 -3.94 17.89 -27.43
N TYR A 196 -3.25 16.73 -27.42
CA TYR A 196 -1.93 16.59 -26.78
C TYR A 196 -0.88 16.56 -27.86
N SER A 197 0.40 16.63 -27.46
CA SER A 197 1.54 16.70 -28.45
C SER A 197 1.66 15.36 -29.20
N CYS A 198 1.43 14.26 -28.44
CA CYS A 198 1.64 12.88 -28.86
C CYS A 198 0.87 12.42 -30.06
N CYS A 199 -0.28 13.09 -30.29
CA CYS A 199 -1.34 12.43 -30.99
C CYS A 199 -2.10 13.33 -31.95
N PRO A 200 -2.38 12.82 -33.15
CA PRO A 200 -3.30 13.62 -33.98
C PRO A 200 -4.71 13.70 -33.36
N GLU A 201 -5.20 12.61 -32.78
CA GLU A 201 -6.59 12.54 -32.35
C GLU A 201 -6.89 13.35 -31.09
N PRO A 202 -8.11 13.92 -31.01
CA PRO A 202 -8.57 14.68 -29.83
C PRO A 202 -8.98 13.79 -28.68
N TYR A 203 -8.75 14.30 -27.48
CA TYR A 203 -9.09 13.66 -26.24
C TYR A 203 -10.20 14.43 -25.55
N ILE A 204 -11.09 13.78 -24.86
CA ILE A 204 -12.17 14.52 -24.33
C ILE A 204 -12.02 14.60 -22.79
N ASP A 205 -12.51 15.69 -22.22
CA ASP A 205 -12.35 15.84 -20.82
C ASP A 205 -13.58 16.64 -20.39
N VAL A 206 -13.85 16.58 -19.09
CA VAL A 206 -14.85 17.42 -18.48
C VAL A 206 -14.17 18.29 -17.48
N ASN A 207 -14.39 19.59 -17.66
CA ASN A 207 -13.70 20.60 -16.89
C ASN A 207 -14.49 20.96 -15.65
N LEU A 208 -13.89 20.78 -14.47
CA LEU A 208 -14.60 21.15 -13.21
C LEU A 208 -14.16 22.54 -12.75
N VAL A 209 -15.02 23.55 -12.81
CA VAL A 209 -14.63 24.89 -12.41
C VAL A 209 -15.37 25.17 -11.08
N VAL A 210 -14.60 25.38 -10.01
CA VAL A 210 -15.19 25.70 -8.74
C VAL A 210 -14.77 27.06 -8.26
N LYS A 211 -15.75 27.83 -7.80
CA LYS A 211 -15.46 29.13 -7.29
C LYS A 211 -15.90 29.07 -5.83
N PHE A 212 -15.00 29.53 -4.94
CA PHE A 212 -15.19 29.30 -3.52
C PHE A 212 -14.52 30.30 -2.61
N ARG A 213 -15.00 30.39 -1.37
CA ARG A 213 -14.36 31.28 -0.40
C ARG A 213 -14.50 30.82 1.04
N GLU A 214 -13.81 31.48 1.96
CA GLU A 214 -14.00 31.15 3.37
C GLU A 214 -15.44 31.41 3.82
N ARG A 215 -15.95 30.56 4.73
CA ARG A 215 -17.21 30.78 5.44
C ARG A 215 -17.07 32.04 6.35
N ARG A 216 -18.12 32.82 6.62
CA ARG A 216 -17.96 33.87 7.72
C ARG A 216 -19.20 34.17 8.67
N ASP B 5 -5.18 -36.43 19.13
CA ASP B 5 -5.80 -37.62 18.46
C ASP B 5 -7.21 -37.31 17.91
N ASP B 6 -8.15 -37.02 18.82
CA ASP B 6 -9.47 -36.45 18.48
C ASP B 6 -9.28 -34.97 18.10
N LYS B 7 -8.10 -34.46 18.47
CA LYS B 7 -7.62 -33.13 18.14
C LYS B 7 -7.32 -33.04 16.65
N LEU B 8 -6.78 -34.12 16.13
CA LEU B 8 -6.62 -34.33 14.70
C LEU B 8 -7.97 -34.59 13.98
N HIS B 9 -8.93 -35.22 14.68
CA HIS B 9 -10.25 -35.48 14.14
C HIS B 9 -11.03 -34.18 14.03
N SER B 10 -11.02 -33.41 15.11
CA SER B 10 -11.72 -32.13 15.15
C SER B 10 -11.11 -31.15 14.12
N GLN B 11 -9.80 -31.20 13.93
CA GLN B 11 -9.18 -30.48 12.85
C GLN B 11 -9.69 -30.88 11.48
N ALA B 12 -9.87 -32.16 11.28
CA ALA B 12 -10.26 -32.64 9.98
C ALA B 12 -11.70 -32.26 9.77
N ASN B 13 -12.49 -32.37 10.82
CA ASN B 13 -13.89 -31.96 10.79
C ASN B 13 -14.11 -30.53 10.32
N LEU B 14 -13.34 -29.60 10.87
CA LEU B 14 -13.35 -28.20 10.47
C LEU B 14 -12.92 -28.05 9.04
N MET B 15 -11.80 -28.67 8.66
CA MET B 15 -11.30 -28.55 7.28
C MET B 15 -12.45 -28.90 6.35
N ARG B 16 -13.12 -29.96 6.71
CA ARG B 16 -14.21 -30.47 5.90
C ARG B 16 -15.36 -29.47 5.75
N LEU B 17 -15.83 -28.93 6.88
CA LEU B 17 -16.95 -28.00 6.93
C LEU B 17 -16.65 -26.76 6.15
N LYS B 18 -15.44 -26.22 6.32
CA LYS B 18 -15.07 -25.01 5.66
C LYS B 18 -15.12 -25.31 4.18
N SER B 19 -14.52 -26.41 3.79
CA SER B 19 -14.60 -26.79 2.39
C SER B 19 -16.04 -26.93 1.86
N ASP B 20 -16.85 -27.69 2.58
CA ASP B 20 -18.26 -27.83 2.29
C ASP B 20 -19.03 -26.53 2.14
N LEU B 21 -18.75 -25.53 2.98
CA LEU B 21 -19.41 -24.24 2.83
C LEU B 21 -18.86 -23.50 1.64
N PHE B 22 -17.53 -23.42 1.61
CA PHE B 22 -16.89 -22.40 0.76
C PHE B 22 -16.77 -22.73 -0.72
N ASN B 23 -16.91 -24.00 -1.07
CA ASN B 23 -17.19 -24.39 -2.44
C ASN B 23 -18.35 -25.34 -2.46
N ARG B 24 -19.49 -24.88 -1.96
CA ARG B 24 -20.69 -24.83 -2.76
C ARG B 24 -21.65 -23.83 -2.17
N SER B 25 -22.75 -23.59 -2.88
CA SER B 25 -22.69 -23.07 -4.23
C SER B 25 -22.10 -21.65 -4.32
N PRO B 26 -20.83 -21.59 -4.70
CA PRO B 26 -19.89 -20.64 -4.10
C PRO B 26 -20.26 -19.21 -4.44
N MET B 27 -19.31 -18.31 -4.35
CA MET B 27 -19.47 -17.08 -3.61
C MET B 27 -20.92 -16.63 -3.73
N TYR B 28 -21.70 -16.80 -2.67
CA TYR B 28 -23.04 -16.27 -2.59
C TYR B 28 -23.00 -14.82 -3.00
N PRO B 29 -23.93 -14.38 -3.85
CA PRO B 29 -23.62 -13.18 -4.65
C PRO B 29 -24.10 -11.88 -4.01
N GLY B 30 -24.27 -11.86 -2.69
CA GLY B 30 -24.77 -10.65 -1.96
C GLY B 30 -26.29 -10.65 -1.93
N PRO B 31 -26.89 -9.74 -1.19
CA PRO B 31 -28.36 -9.63 -0.99
C PRO B 31 -29.01 -9.04 -2.25
N THR B 32 -30.32 -9.30 -2.42
CA THR B 32 -31.07 -8.71 -3.56
C THR B 32 -32.41 -8.35 -3.02
N LYS B 33 -33.22 -7.66 -3.79
CA LYS B 33 -34.64 -7.38 -3.40
C LYS B 33 -35.44 -8.65 -3.09
N ASP B 34 -35.30 -9.70 -3.92
CA ASP B 34 -35.81 -11.06 -3.62
C ASP B 34 -35.20 -11.69 -2.40
N ASP B 35 -34.03 -11.27 -1.99
CA ASP B 35 -33.34 -11.93 -0.91
C ASP B 35 -32.54 -11.01 0.00
N PRO B 36 -33.21 -10.07 0.64
CA PRO B 36 -32.47 -9.01 1.38
C PRO B 36 -31.97 -9.47 2.75
N LEU B 37 -31.22 -8.63 3.39
CA LEU B 37 -30.52 -9.08 4.50
C LEU B 37 -30.47 -7.92 5.46
N THR B 38 -30.45 -8.25 6.73
CA THR B 38 -30.41 -7.25 7.78
C THR B 38 -29.04 -7.29 8.40
N VAL B 39 -28.39 -6.14 8.52
CA VAL B 39 -27.12 -6.06 9.23
C VAL B 39 -27.37 -5.23 10.50
N THR B 40 -26.99 -5.79 11.62
CA THR B 40 -27.00 -5.07 12.85
C THR B 40 -25.63 -4.52 13.18
N LEU B 41 -25.58 -3.24 13.53
CA LEU B 41 -24.37 -2.53 13.72
C LEU B 41 -24.43 -1.97 15.12
N GLY B 42 -23.30 -1.95 15.86
CA GLY B 42 -23.18 -1.17 17.13
C GLY B 42 -21.76 -0.61 17.18
N PHE B 43 -21.60 0.59 17.69
CA PHE B 43 -20.32 1.21 17.74
C PHE B 43 -19.85 1.24 19.15
N THR B 44 -18.53 1.06 19.32
CA THR B 44 -17.80 1.15 20.55
C THR B 44 -16.77 2.28 20.30
N LEU B 45 -16.96 3.41 20.93
CA LEU B 45 -16.10 4.52 20.66
C LEU B 45 -14.88 4.44 21.61
N GLN B 46 -13.67 4.56 21.07
CA GLN B 46 -12.49 4.46 21.90
C GLN B 46 -11.79 5.78 22.19
N ASP B 47 -11.75 6.66 21.21
CA ASP B 47 -10.96 7.86 21.31
C ASP B 47 -11.33 8.82 20.23
N ILE B 48 -11.46 10.07 20.60
CA ILE B 48 -11.26 11.16 19.67
C ILE B 48 -9.84 11.64 19.72
N VAL B 49 -9.10 11.30 18.68
CA VAL B 49 -7.67 11.50 18.70
C VAL B 49 -7.27 12.92 18.41
N LYS B 50 -7.90 13.49 17.41
CA LYS B 50 -7.56 14.79 16.88
C LYS B 50 -8.84 15.49 16.41
N ALA B 51 -8.89 16.76 16.74
CA ALA B 51 -9.89 17.66 16.16
C ALA B 51 -9.18 18.85 15.48
N ASP B 52 -9.19 18.90 14.16
CA ASP B 52 -8.42 19.91 13.42
C ASP B 52 -9.33 21.09 12.98
N SER B 53 -9.22 22.23 13.63
CA SER B 53 -10.14 23.35 13.23
C SER B 53 -9.62 24.15 12.04
N SER B 54 -8.41 23.85 11.53
CA SER B 54 -8.04 24.55 10.31
C SER B 54 -8.64 23.81 9.06
N THR B 55 -9.12 22.58 9.20
CA THR B 55 -9.70 21.94 8.04
C THR B 55 -11.06 21.36 8.34
N ASN B 56 -11.54 21.51 9.57
CA ASN B 56 -12.79 20.81 9.98
C ASN B 56 -12.86 19.29 9.72
N GLU B 57 -11.93 18.57 10.33
CA GLU B 57 -11.81 17.11 10.27
C GLU B 57 -11.62 16.70 11.70
N VAL B 58 -12.21 15.56 12.07
CA VAL B 58 -12.02 14.93 13.37
C VAL B 58 -11.58 13.46 13.18
N ASP B 59 -10.73 12.95 14.03
CA ASP B 59 -10.23 11.58 13.86
C ASP B 59 -10.75 10.71 15.00
N LEU B 60 -11.51 9.65 14.70
CA LEU B 60 -12.06 8.79 15.75
C LEU B 60 -11.38 7.47 15.63
N VAL B 61 -11.31 6.79 16.78
CA VAL B 61 -10.96 5.37 16.86
C VAL B 61 -12.11 4.64 17.53
N TYR B 62 -12.64 3.65 16.85
CA TYR B 62 -13.77 2.96 17.37
C TYR B 62 -13.72 1.56 16.78
N TYR B 63 -14.51 0.66 17.34
CA TYR B 63 -14.78 -0.54 16.55
C TYR B 63 -16.23 -0.76 16.34
N GLU B 64 -16.55 -1.55 15.34
CA GLU B 64 -17.88 -1.58 14.89
C GLU B 64 -18.33 -3.03 14.84
N GLN B 65 -19.17 -3.45 15.81
CA GLN B 65 -19.77 -4.75 15.68
C GLN B 65 -20.82 -4.82 14.53
N GLN B 66 -20.66 -5.81 13.65
CA GLN B 66 -21.55 -6.01 12.54
C GLN B 66 -22.04 -7.41 12.64
N ARG B 67 -23.35 -7.67 12.43
CA ARG B 67 -23.93 -9.05 12.45
C ARG B 67 -24.94 -9.19 11.41
N TRP B 68 -24.93 -10.35 10.80
CA TRP B 68 -25.90 -10.71 9.84
C TRP B 68 -25.97 -12.24 9.82
N LYS B 69 -26.89 -12.75 9.02
CA LYS B 69 -27.15 -14.19 9.05
C LYS B 69 -27.47 -14.57 7.62
N LEU B 70 -26.80 -15.61 7.11
CA LEU B 70 -27.02 -16.16 5.77
C LEU B 70 -27.43 -17.59 5.88
N ASN B 71 -28.37 -17.98 5.04
CA ASN B 71 -28.75 -19.38 4.90
C ASN B 71 -27.66 -20.28 4.36
N SER B 72 -26.87 -19.76 3.45
CA SER B 72 -25.83 -20.51 2.79
C SER B 72 -24.71 -20.86 3.72
N LEU B 73 -24.86 -20.51 4.99
CA LEU B 73 -23.80 -20.69 5.95
C LEU B 73 -24.26 -21.54 7.10
N MET B 74 -25.45 -22.08 6.99
CA MET B 74 -25.91 -23.01 8.00
C MET B 74 -25.30 -24.38 7.82
N TRP B 75 -25.23 -25.08 8.95
CA TRP B 75 -24.90 -26.47 9.04
C TRP B 75 -25.41 -27.04 10.38
N ASP B 76 -25.58 -28.35 10.38
CA ASP B 76 -25.93 -29.15 11.55
C ASP B 76 -24.65 -29.51 12.23
N PRO B 77 -24.45 -29.03 13.44
CA PRO B 77 -23.22 -29.46 14.10
C PRO B 77 -23.03 -31.01 14.14
N ASN B 78 -24.12 -31.80 14.18
CA ASN B 78 -24.02 -33.27 14.44
C ASN B 78 -23.33 -33.95 13.32
N GLU B 79 -23.37 -33.28 12.18
CA GLU B 79 -22.81 -33.77 10.94
C GLU B 79 -21.38 -33.31 10.82
N TYR B 80 -20.89 -32.65 11.87
CA TYR B 80 -19.57 -32.03 11.84
C TYR B 80 -18.97 -32.00 13.23
N GLY B 81 -19.04 -33.12 13.91
CA GLY B 81 -18.25 -33.31 15.11
C GLY B 81 -18.70 -32.44 16.25
N ASN B 82 -19.97 -32.06 16.23
CA ASN B 82 -20.48 -30.98 17.10
C ASN B 82 -19.74 -29.67 17.07
N ILE B 83 -19.31 -29.30 15.88
CA ILE B 83 -18.75 -27.97 15.67
C ILE B 83 -19.87 -26.98 15.56
N THR B 84 -19.89 -26.01 16.47
CA THR B 84 -20.94 -25.03 16.47
C THR B 84 -20.62 -23.66 15.91
N ASP B 85 -19.35 -23.31 15.76
CA ASP B 85 -18.92 -22.10 15.08
C ASP B 85 -17.41 -22.25 14.76
N PHE B 86 -16.85 -21.24 14.08
CA PHE B 86 -15.45 -21.25 13.65
C PHE B 86 -14.99 -19.87 13.23
N ARG B 87 -13.70 -19.59 13.36
CA ARG B 87 -13.14 -18.35 12.96
C ARG B 87 -12.72 -18.47 11.56
N THR B 88 -12.92 -17.40 10.81
CA THR B 88 -12.49 -17.41 9.45
C THR B 88 -12.11 -16.04 8.96
N SER B 89 -11.17 -16.06 8.04
CA SER B 89 -10.71 -14.84 7.37
C SER B 89 -11.85 -13.98 6.69
N ALA B 90 -11.88 -12.69 6.86
CA ALA B 90 -13.02 -11.98 6.30
C ALA B 90 -13.07 -12.13 4.72
N ALA B 91 -11.93 -12.31 4.07
CA ALA B 91 -11.96 -12.51 2.65
C ALA B 91 -12.65 -13.79 2.18
N ASP B 92 -12.87 -14.80 3.02
CA ASP B 92 -13.39 -16.05 2.49
C ASP B 92 -14.94 -15.99 2.44
N ILE B 93 -15.53 -14.87 2.85
CA ILE B 93 -16.97 -14.79 2.95
C ILE B 93 -17.37 -13.44 2.51
N TRP B 94 -18.59 -13.32 2.07
CA TRP B 94 -19.20 -11.99 1.81
C TRP B 94 -19.28 -11.12 3.09
N THR B 95 -19.00 -9.84 3.03
CA THR B 95 -19.13 -9.01 4.23
C THR B 95 -19.82 -7.73 3.67
N PRO B 96 -20.54 -7.00 4.51
CA PRO B 96 -21.32 -5.87 4.02
C PRO B 96 -20.47 -4.62 3.85
N ASP B 97 -20.87 -3.77 2.91
CA ASP B 97 -20.06 -2.64 2.49
C ASP B 97 -20.42 -1.37 3.22
N ILE B 98 -20.54 -1.48 4.53
CA ILE B 98 -20.78 -0.33 5.37
C ILE B 98 -19.67 0.68 5.26
N THR B 99 -20.03 1.90 4.85
CA THR B 99 -19.03 2.98 4.68
C THR B 99 -19.52 4.23 5.44
N ALA B 100 -18.56 5.05 5.76
CA ALA B 100 -18.84 6.32 6.39
C ALA B 100 -19.14 7.22 5.24
N TYR B 101 -20.10 8.12 5.37
CA TYR B 101 -20.53 8.84 4.26
C TYR B 101 -19.82 10.15 4.13
N SER B 102 -19.23 10.64 5.20
CA SER B 102 -18.49 11.86 5.10
C SER B 102 -17.12 11.70 5.66
N SER B 103 -16.41 10.61 5.38
CA SER B 103 -15.01 10.59 5.64
C SER B 103 -14.19 11.49 4.72
N THR B 104 -13.00 11.86 5.15
CA THR B 104 -12.12 12.64 4.31
C THR B 104 -10.81 11.95 4.02
N ARG B 105 -10.58 10.76 4.56
N ARG B 105 -10.58 10.76 4.56
CA ARG B 105 -9.44 9.90 4.24
CA ARG B 105 -9.45 9.91 4.21
C ARG B 105 -9.92 8.46 4.16
C ARG B 105 -9.90 8.46 4.17
N PRO B 106 -9.16 7.56 3.51
CA PRO B 106 -9.57 6.13 3.60
C PRO B 106 -9.39 5.72 5.07
N VAL B 107 -10.36 5.01 5.56
CA VAL B 107 -10.35 4.46 6.82
C VAL B 107 -9.14 3.56 7.04
N GLN B 108 -8.46 3.68 8.14
CA GLN B 108 -7.41 2.72 8.44
C GLN B 108 -7.95 1.68 9.41
N VAL B 109 -7.73 0.44 9.00
CA VAL B 109 -8.19 -0.75 9.70
C VAL B 109 -7.17 -1.09 10.79
N LEU B 110 -7.61 -1.31 12.04
CA LEU B 110 -6.74 -1.54 13.15
C LEU B 110 -6.74 -2.97 13.63
N SER B 111 -7.53 -3.87 13.05
CA SER B 111 -7.67 -5.13 13.72
C SER B 111 -7.74 -6.21 12.67
N PRO B 112 -7.43 -7.44 13.01
CA PRO B 112 -7.38 -8.34 11.87
C PRO B 112 -8.75 -8.70 11.24
N GLN B 113 -8.66 -9.03 9.97
CA GLN B 113 -9.81 -9.11 9.09
C GLN B 113 -10.32 -10.53 9.25
N ILE B 114 -10.91 -10.80 10.42
CA ILE B 114 -11.35 -12.14 10.76
C ILE B 114 -12.70 -12.10 11.42
N ALA B 115 -13.55 -13.05 11.02
CA ALA B 115 -14.99 -13.10 11.44
C ALA B 115 -15.31 -14.45 12.08
N VAL B 116 -16.51 -14.61 12.67
CA VAL B 116 -16.91 -15.79 13.37
C VAL B 116 -18.28 -16.15 12.81
N VAL B 117 -18.41 -17.39 12.35
CA VAL B 117 -19.62 -17.90 11.66
C VAL B 117 -20.18 -19.00 12.58
N THR B 118 -21.44 -18.91 12.98
CA THR B 118 -22.06 -19.90 13.84
C THR B 118 -22.90 -20.78 12.93
N HIS B 119 -23.25 -21.97 13.45
CA HIS B 119 -24.00 -23.01 12.71
C HIS B 119 -25.42 -22.62 12.20
N ASP B 120 -26.07 -21.66 12.85
CA ASP B 120 -27.32 -21.14 12.28
C ASP B 120 -27.05 -20.16 11.11
N GLY B 121 -25.80 -20.07 10.67
CA GLY B 121 -25.46 -19.15 9.58
C GLY B 121 -25.32 -17.68 9.96
N SER B 122 -25.28 -17.34 11.25
CA SER B 122 -24.99 -15.97 11.64
C SER B 122 -23.48 -15.72 11.66
N VAL B 123 -23.14 -14.51 11.19
CA VAL B 123 -21.81 -14.06 11.17
C VAL B 123 -21.58 -12.85 12.03
N MET B 124 -20.45 -12.79 12.67
CA MET B 124 -20.07 -11.56 13.43
C MET B 124 -18.72 -11.11 13.03
N PHE B 125 -18.62 -9.83 12.77
CA PHE B 125 -17.37 -9.20 12.32
C PHE B 125 -17.24 -7.87 13.03
N ILE B 126 -16.10 -7.61 13.69
CA ILE B 126 -15.88 -6.35 14.52
C ILE B 126 -14.62 -5.56 14.17
N PRO B 127 -14.61 -4.91 12.95
CA PRO B 127 -13.33 -4.27 12.56
C PRO B 127 -13.13 -3.02 13.44
N ALA B 128 -11.92 -2.82 13.93
CA ALA B 128 -11.63 -1.56 14.58
C ALA B 128 -11.04 -0.64 13.54
N GLN B 129 -11.38 0.62 13.63
CA GLN B 129 -10.95 1.57 12.59
C GLN B 129 -10.57 2.91 13.13
N ARG B 130 -9.71 3.57 12.33
CA ARG B 130 -9.40 4.99 12.45
C ARG B 130 -9.97 5.76 11.25
N LEU B 131 -10.87 6.71 11.57
CA LEU B 131 -11.57 7.54 10.64
C LEU B 131 -11.34 9.03 10.82
N SER B 132 -11.03 9.74 9.72
CA SER B 132 -11.17 11.16 9.62
C SER B 132 -12.53 11.49 8.92
N PHE B 133 -13.30 12.41 9.52
CA PHE B 133 -14.54 12.78 8.90
C PHE B 133 -14.78 14.26 9.16
N MET B 134 -15.74 14.76 8.41
CA MET B 134 -16.18 16.14 8.30
C MET B 134 -16.81 16.59 9.59
N CYS B 135 -16.13 17.49 10.29
CA CYS B 135 -16.64 17.93 11.57
C CYS B 135 -16.02 19.27 11.93
N ASP B 136 -16.88 20.24 12.23
CA ASP B 136 -16.52 21.56 12.70
C ASP B 136 -16.36 21.50 14.19
N PRO B 137 -15.13 21.49 14.66
CA PRO B 137 -15.02 21.35 16.13
C PRO B 137 -15.34 22.62 16.95
N THR B 138 -15.91 23.66 16.33
CA THR B 138 -16.23 24.92 17.07
C THR B 138 -17.04 24.69 18.33
N GLY B 139 -16.60 25.28 19.42
CA GLY B 139 -17.24 25.01 20.69
C GLY B 139 -16.59 23.94 21.56
N VAL B 140 -15.58 23.27 21.04
CA VAL B 140 -15.05 22.15 21.80
C VAL B 140 -14.39 22.61 23.13
N ASP B 141 -14.03 23.89 23.18
CA ASP B 141 -13.35 24.46 24.31
C ASP B 141 -14.30 25.17 25.26
N SER B 142 -15.53 24.72 25.32
CA SER B 142 -16.50 25.34 26.19
C SER B 142 -17.27 24.29 26.96
N GLU B 143 -18.08 24.72 27.90
CA GLU B 143 -18.82 23.76 28.67
C GLU B 143 -19.63 22.95 27.69
N GLU B 144 -20.22 23.63 26.73
CA GLU B 144 -21.18 23.09 25.85
C GLU B 144 -20.58 22.09 24.85
N GLY B 145 -19.30 22.24 24.50
CA GLY B 145 -18.70 21.34 23.54
C GLY B 145 -19.13 21.46 22.09
N ALA B 146 -18.69 20.55 21.26
CA ALA B 146 -19.01 20.56 19.84
C ALA B 146 -19.84 19.35 19.53
N THR B 147 -20.57 19.41 18.47
CA THR B 147 -21.40 18.29 18.17
C THR B 147 -20.95 17.92 16.81
N CYS B 148 -20.69 16.65 16.57
CA CYS B 148 -20.53 16.16 15.19
C CYS B 148 -21.29 14.90 14.90
N ALA B 149 -21.36 14.54 13.64
CA ALA B 149 -22.21 13.46 13.11
C ALA B 149 -21.64 12.78 11.84
N VAL B 150 -21.76 11.45 11.77
CA VAL B 150 -21.34 10.78 10.56
C VAL B 150 -22.25 9.62 10.36
N LYS B 151 -22.81 9.54 9.15
CA LYS B 151 -23.71 8.43 8.69
C LYS B 151 -22.90 7.23 8.19
N PHE B 152 -23.29 6.03 8.63
CA PHE B 152 -22.64 4.83 8.15
C PHE B 152 -23.72 4.02 7.45
N GLY B 153 -23.39 3.38 6.32
CA GLY B 153 -24.39 2.48 5.69
C GLY B 153 -23.82 1.85 4.43
N SER B 154 -24.56 0.97 3.76
CA SER B 154 -24.12 0.42 2.48
C SER B 154 -23.92 1.52 1.49
N TRP B 155 -22.89 1.43 0.68
CA TRP B 155 -22.75 2.43 -0.36
C TRP B 155 -23.68 2.07 -1.53
N VAL B 156 -23.82 0.77 -1.85
CA VAL B 156 -24.49 0.46 -3.10
C VAL B 156 -25.77 -0.31 -2.90
N TYR B 157 -26.13 -0.65 -1.68
CA TYR B 157 -27.30 -1.46 -1.47
C TYR B 157 -28.40 -0.64 -0.82
N SER B 158 -29.52 -0.55 -1.52
CA SER B 158 -30.67 0.23 -1.06
C SER B 158 -31.33 -0.55 0.16
N GLY B 159 -32.32 0.05 0.78
CA GLY B 159 -32.97 -0.50 1.96
C GLY B 159 -33.95 -1.61 1.59
N PHE B 160 -34.23 -1.79 0.31
CA PHE B 160 -34.80 -3.06 -0.08
C PHE B 160 -33.84 -4.20 -0.10
N GLU B 161 -32.52 -3.96 -0.11
CA GLU B 161 -31.59 -5.05 -0.24
C GLU B 161 -30.83 -5.22 1.06
N ILE B 162 -30.52 -4.10 1.72
CA ILE B 162 -29.91 -4.20 3.00
C ILE B 162 -30.62 -3.36 4.02
N ASP B 163 -31.12 -3.95 5.10
CA ASP B 163 -31.57 -3.17 6.24
C ASP B 163 -30.54 -3.06 7.36
N LEU B 164 -30.52 -1.93 8.04
CA LEU B 164 -29.67 -1.79 9.16
C LEU B 164 -30.54 -1.79 10.44
N LYS B 165 -30.03 -2.34 11.53
CA LYS B 165 -30.68 -2.23 12.80
C LYS B 165 -29.64 -1.94 13.85
N THR B 166 -29.98 -1.40 15.01
CA THR B 166 -29.08 -1.22 16.15
C THR B 166 -29.71 -1.97 17.28
N ASP B 167 -28.92 -2.39 18.26
CA ASP B 167 -29.59 -3.04 19.45
C ASP B 167 -29.95 -1.94 20.40
N THR B 168 -29.11 -0.93 20.46
CA THR B 168 -29.43 0.16 21.27
C THR B 168 -29.11 1.44 20.51
N ASP B 169 -29.64 2.54 21.00
CA ASP B 169 -29.28 3.73 20.40
C ASP B 169 -28.11 4.45 21.09
N GLN B 170 -27.51 3.83 22.09
CA GLN B 170 -26.40 4.40 22.83
C GLN B 170 -25.07 3.76 22.31
N VAL B 171 -24.16 4.58 21.81
CA VAL B 171 -22.82 4.09 21.56
C VAL B 171 -22.20 3.55 22.84
N ASP B 172 -21.51 2.45 22.71
CA ASP B 172 -20.87 1.93 23.86
C ASP B 172 -19.60 2.79 24.19
N LEU B 173 -19.53 3.30 25.41
CA LEU B 173 -18.48 4.22 25.87
C LEU B 173 -17.69 3.64 27.01
N SER B 174 -17.91 2.37 27.35
CA SER B 174 -17.19 1.78 28.51
C SER B 174 -15.73 1.47 28.18
N SER B 175 -15.30 1.67 26.94
CA SER B 175 -13.90 1.55 26.62
C SER B 175 -13.35 2.89 26.15
N TYR B 176 -14.10 3.96 26.40
CA TYR B 176 -13.59 5.24 25.96
C TYR B 176 -12.29 5.49 26.65
N TYR B 177 -11.24 5.83 25.91
CA TYR B 177 -9.96 6.17 26.59
C TYR B 177 -10.09 7.33 27.62
N ALA B 178 -9.81 6.92 28.85
CA ALA B 178 -10.05 7.72 30.05
C ALA B 178 -9.19 8.98 30.07
N SER B 179 -8.01 9.02 29.42
CA SER B 179 -7.20 10.27 29.39
C SER B 179 -7.13 10.84 28.01
N SER B 180 -8.15 10.64 27.16
CA SER B 180 -8.20 11.33 25.86
C SER B 180 -8.14 12.88 25.98
N LYS B 181 -7.72 13.56 24.92
CA LYS B 181 -7.80 15.02 24.93
C LYS B 181 -9.27 15.44 25.04
N TYR B 182 -10.17 14.56 24.59
CA TYR B 182 -11.60 14.89 24.57
C TYR B 182 -12.44 14.03 25.46
N GLU B 183 -13.35 14.64 26.19
CA GLU B 183 -14.34 13.86 26.87
C GLU B 183 -15.68 13.78 26.11
N ILE B 184 -16.41 12.69 26.36
CA ILE B 184 -17.64 12.48 25.69
C ILE B 184 -18.78 12.91 26.53
N LEU B 185 -19.57 13.85 26.05
CA LEU B 185 -20.78 14.21 26.73
C LEU B 185 -21.88 13.21 26.37
N SER B 186 -22.04 12.88 25.06
CA SER B 186 -23.04 11.92 24.61
C SER B 186 -22.72 11.36 23.24
N ALA B 187 -23.11 10.10 23.01
CA ALA B 187 -22.86 9.42 21.76
C ALA B 187 -24.03 8.55 21.47
N THR B 188 -24.73 8.79 20.36
CA THR B 188 -25.90 8.00 20.03
C THR B 188 -25.74 7.43 18.61
N GLN B 189 -26.47 6.36 18.35
CA GLN B 189 -26.45 5.75 17.02
C GLN B 189 -27.88 5.49 16.64
N THR B 190 -28.32 6.07 15.53
CA THR B 190 -29.75 6.07 15.22
C THR B 190 -29.92 5.69 13.76
N ARG B 191 -30.80 4.73 13.50
CA ARG B 191 -31.14 4.30 12.17
C ARG B 191 -31.83 5.44 11.42
N GLN B 192 -31.49 5.73 10.16
CA GLN B 192 -32.20 6.72 9.35
C GLN B 192 -32.35 6.25 7.94
N VAL B 193 -33.27 6.90 7.22
CA VAL B 193 -33.49 6.61 5.82
C VAL B 193 -33.08 7.79 4.93
N GLN B 194 -32.71 7.54 3.69
CA GLN B 194 -32.16 8.62 2.87
C GLN B 194 -32.35 8.29 1.44
N HIS B 195 -32.49 9.30 0.57
CA HIS B 195 -32.48 9.05 -0.84
C HIS B 195 -31.23 9.68 -1.50
N TYR B 196 -30.77 9.14 -2.63
CA TYR B 196 -29.67 9.79 -3.46
C TYR B 196 -30.17 10.06 -4.85
N SER B 197 -29.54 11.01 -5.55
CA SER B 197 -30.03 11.33 -6.91
C SER B 197 -30.02 10.14 -7.87
N CYS B 198 -29.06 9.21 -7.75
CA CYS B 198 -29.01 8.08 -8.68
C CYS B 198 -30.32 7.32 -8.78
N CYS B 199 -31.01 7.23 -7.64
CA CYS B 199 -31.94 6.14 -7.39
C CYS B 199 -33.25 6.51 -6.70
N PRO B 200 -34.34 5.86 -7.15
CA PRO B 200 -35.66 6.01 -6.54
C PRO B 200 -35.79 5.38 -5.12
N GLU B 201 -35.04 4.31 -4.84
CA GLU B 201 -35.30 3.53 -3.64
C GLU B 201 -34.55 4.06 -2.45
N PRO B 202 -35.16 4.02 -1.28
CA PRO B 202 -34.45 4.71 -0.14
C PRO B 202 -33.30 3.91 0.40
N TYR B 203 -32.38 4.52 1.11
CA TYR B 203 -31.21 3.78 1.59
C TYR B 203 -31.17 3.91 3.09
N ILE B 204 -30.46 2.99 3.76
CA ILE B 204 -30.40 3.06 5.17
C ILE B 204 -29.04 3.39 5.66
N ASP B 205 -28.99 4.20 6.72
CA ASP B 205 -27.73 4.42 7.40
C ASP B 205 -28.00 4.43 8.93
N VAL B 206 -26.91 4.40 9.69
CA VAL B 206 -26.97 4.53 11.08
C VAL B 206 -26.09 5.77 11.33
N ASN B 207 -26.65 6.84 11.90
CA ASN B 207 -26.02 8.12 12.18
C ASN B 207 -25.44 8.18 13.61
N LEU B 208 -24.12 8.36 13.64
CA LEU B 208 -23.36 8.44 14.84
C LEU B 208 -23.27 9.94 15.23
N VAL B 209 -23.91 10.36 16.30
CA VAL B 209 -23.78 11.73 16.77
C VAL B 209 -22.97 11.74 18.06
N VAL B 210 -21.94 12.57 18.12
CA VAL B 210 -21.14 12.63 19.31
C VAL B 210 -21.03 14.04 19.75
N LYS B 211 -21.24 14.26 21.04
CA LYS B 211 -21.00 15.55 21.67
C LYS B 211 -19.84 15.43 22.57
N PHE B 212 -18.92 16.35 22.39
CA PHE B 212 -17.68 16.24 23.11
C PHE B 212 -17.05 17.57 23.30
N ARG B 213 -16.10 17.64 24.22
CA ARG B 213 -15.40 18.88 24.57
C ARG B 213 -14.00 18.60 25.09
N GLU B 214 -13.11 19.57 25.08
CA GLU B 214 -11.76 19.38 25.69
C GLU B 214 -11.86 19.01 27.19
N ARG B 215 -11.04 18.08 27.69
CA ARG B 215 -11.11 17.75 29.13
C ARG B 215 -10.49 18.83 29.98
N ARG B 216 -11.05 19.16 31.14
CA ARG B 216 -10.29 20.16 31.97
C ARG B 216 -9.96 19.73 33.39
N LYS C 7 25.30 -31.92 0.03
CA LYS C 7 24.93 -30.45 0.08
C LYS C 7 23.79 -30.13 -0.88
N LEU C 8 23.87 -30.65 -2.11
CA LEU C 8 22.70 -30.69 -2.98
C LEU C 8 21.65 -31.65 -2.35
N HIS C 9 22.15 -32.64 -1.63
CA HIS C 9 21.29 -33.54 -0.91
C HIS C 9 20.42 -32.77 0.17
N SER C 10 21.07 -32.24 1.20
CA SER C 10 20.42 -31.47 2.23
C SER C 10 19.34 -30.42 1.72
N GLN C 11 19.68 -29.62 0.71
CA GLN C 11 18.65 -28.78 0.10
C GLN C 11 17.40 -29.59 -0.26
N ALA C 12 17.62 -30.78 -0.80
CA ALA C 12 16.53 -31.57 -1.35
C ALA C 12 15.68 -32.16 -0.25
N ASN C 13 16.34 -32.51 0.86
CA ASN C 13 15.69 -32.90 2.09
C ASN C 13 14.76 -31.84 2.65
N LEU C 14 15.25 -30.61 2.78
CA LEU C 14 14.41 -29.49 3.17
C LEU C 14 13.26 -29.21 2.19
N MET C 15 13.55 -29.26 0.90
CA MET C 15 12.52 -29.12 -0.13
C MET C 15 11.42 -30.13 0.23
N ARG C 16 11.83 -31.36 0.46
CA ARG C 16 10.87 -32.44 0.62
C ARG C 16 10.04 -32.23 1.90
N LEU C 17 10.68 -31.70 2.93
CA LEU C 17 9.98 -31.53 4.19
C LEU C 17 9.00 -30.34 4.15
N LYS C 18 9.37 -29.23 3.54
CA LYS C 18 8.45 -28.16 3.40
C LYS C 18 7.22 -28.71 2.66
N SER C 19 7.50 -29.42 1.60
CA SER C 19 6.49 -29.92 0.73
C SER C 19 5.56 -30.83 1.49
N ASP C 20 6.12 -31.85 2.17
CA ASP C 20 5.29 -32.78 2.96
C ASP C 20 4.41 -31.98 3.94
N LEU C 21 5.07 -31.20 4.79
CA LEU C 21 4.41 -30.28 5.71
C LEU C 21 3.31 -29.42 5.08
N PHE C 22 3.68 -28.49 4.20
CA PHE C 22 2.74 -27.46 3.72
C PHE C 22 1.76 -28.01 2.75
N ASN C 23 2.30 -28.56 1.67
CA ASN C 23 1.68 -28.54 0.38
C ASN C 23 0.79 -29.76 0.32
N ARG C 24 0.89 -30.56 1.37
CA ARG C 24 -0.04 -31.65 1.57
C ARG C 24 0.04 -32.10 3.01
N SER C 25 -0.56 -31.33 3.89
CA SER C 25 -1.64 -31.86 4.70
C SER C 25 -2.65 -30.77 5.03
N TYR C 28 -4.41 -26.69 8.46
CA TYR C 28 -4.65 -26.47 9.87
C TYR C 28 -5.54 -25.24 9.86
N PRO C 29 -6.69 -25.29 10.55
CA PRO C 29 -7.60 -24.14 10.43
C PRO C 29 -7.60 -23.17 11.61
N GLY C 30 -6.49 -23.04 12.32
CA GLY C 30 -6.43 -22.16 13.49
C GLY C 30 -6.83 -23.01 14.67
N PRO C 31 -6.70 -22.51 15.87
CA PRO C 31 -7.10 -23.18 17.09
C PRO C 31 -8.57 -23.23 17.31
N THR C 32 -9.04 -24.18 18.10
CA THR C 32 -10.47 -24.32 18.40
C THR C 32 -10.58 -24.63 19.88
N LYS C 33 -11.78 -24.91 20.33
CA LYS C 33 -12.02 -25.24 21.71
C LYS C 33 -11.47 -26.64 21.93
N ASP C 34 -11.65 -27.49 20.92
CA ASP C 34 -11.15 -28.83 21.03
C ASP C 34 -9.70 -28.94 20.89
N ASP C 35 -9.09 -27.97 20.14
CA ASP C 35 -7.67 -27.96 19.87
C ASP C 35 -7.05 -26.60 20.19
N PRO C 36 -6.98 -26.27 21.49
CA PRO C 36 -6.62 -24.91 21.89
C PRO C 36 -5.13 -24.67 21.72
N LEU C 37 -4.69 -23.42 21.80
CA LEU C 37 -3.29 -23.12 21.62
C LEU C 37 -2.80 -22.12 22.67
N THR C 38 -1.51 -22.18 22.99
CA THR C 38 -0.88 -21.32 23.98
C THR C 38 0.21 -20.57 23.20
N VAL C 39 0.08 -19.25 23.14
CA VAL C 39 1.04 -18.42 22.56
C VAL C 39 1.79 -17.75 23.70
N THR C 40 3.11 -17.82 23.66
CA THR C 40 3.92 -17.12 24.64
C THR C 40 4.43 -15.82 24.00
N LEU C 41 4.32 -14.68 24.69
CA LEU C 41 4.69 -13.31 24.21
C LEU C 41 5.70 -12.70 25.15
N GLY C 42 6.80 -12.15 24.59
CA GLY C 42 7.72 -11.29 25.27
C GLY C 42 8.03 -10.03 24.46
N PHE C 43 8.07 -8.86 25.12
CA PHE C 43 8.41 -7.61 24.44
C PHE C 43 9.86 -7.20 24.69
N THR C 44 10.49 -6.61 23.68
CA THR C 44 11.75 -6.01 23.83
C THR C 44 11.49 -4.60 23.35
N LEU C 45 11.70 -3.62 24.21
CA LEU C 45 11.37 -2.23 23.87
C LEU C 45 12.63 -1.55 23.32
N GLN C 46 12.58 -0.95 22.15
CA GLN C 46 13.80 -0.37 21.62
C GLN C 46 13.80 1.14 21.72
N ASP C 47 12.63 1.73 21.59
CA ASP C 47 12.65 3.17 21.60
C ASP C 47 11.28 3.70 21.88
N ILE C 48 11.20 4.72 22.75
CA ILE C 48 10.03 5.56 22.69
C ILE C 48 10.36 6.69 21.78
N VAL C 49 9.72 6.72 20.62
CA VAL C 49 10.16 7.60 19.60
C VAL C 49 9.58 8.92 19.77
N LYS C 50 8.31 8.99 20.15
CA LYS C 50 7.61 10.29 20.19
C LYS C 50 6.37 10.24 21.12
N ALA C 51 6.14 11.34 21.83
CA ALA C 51 5.07 11.46 22.80
C ALA C 51 4.29 12.69 22.36
N ASP C 52 3.15 12.56 21.68
CA ASP C 52 2.46 13.76 21.23
C ASP C 52 1.36 14.17 22.23
N SER C 53 1.62 15.27 22.93
CA SER C 53 0.69 15.69 23.92
C SER C 53 -0.42 16.56 23.36
N SER C 54 -0.44 16.80 22.07
CA SER C 54 -1.56 17.54 21.56
C SER C 54 -2.64 16.51 21.13
N THR C 55 -2.29 15.24 20.95
CA THR C 55 -3.29 14.20 20.65
C THR C 55 -3.32 13.00 21.67
N ASN C 56 -2.36 12.92 22.59
CA ASN C 56 -2.20 11.77 23.49
C ASN C 56 -1.95 10.47 22.73
N GLU C 57 -1.00 10.55 21.84
CA GLU C 57 -0.51 9.39 21.16
C GLU C 57 0.95 9.29 21.57
N VAL C 58 1.51 8.06 21.66
CA VAL C 58 2.92 7.87 21.93
C VAL C 58 3.32 6.82 20.89
N ASP C 59 4.45 6.99 20.22
CA ASP C 59 4.94 5.98 19.28
C ASP C 59 6.03 5.18 19.91
N LEU C 60 5.93 3.87 19.82
CA LEU C 60 6.98 3.00 20.40
C LEU C 60 7.55 2.15 19.29
N VAL C 61 8.83 1.76 19.40
CA VAL C 61 9.42 0.82 18.52
C VAL C 61 9.91 -0.28 19.43
N TYR C 62 9.48 -1.52 19.11
CA TYR C 62 9.81 -2.66 19.92
C TYR C 62 9.81 -3.89 19.04
N TYR C 63 10.35 -4.98 19.60
CA TYR C 63 9.94 -6.23 19.04
C TYR C 63 9.21 -7.18 19.97
N GLU C 64 8.50 -8.08 19.35
CA GLU C 64 7.55 -8.91 20.05
C GLU C 64 7.86 -10.34 19.68
N GLN C 65 8.40 -11.05 20.63
CA GLN C 65 8.57 -12.45 20.59
C GLN C 65 7.29 -13.27 20.77
N GLN C 66 6.98 -14.14 19.80
CA GLN C 66 5.82 -15.03 19.78
C GLN C 66 6.28 -16.46 19.57
N ARG C 67 5.73 -17.37 20.34
CA ARG C 67 6.10 -18.79 20.29
C ARG C 67 4.89 -19.59 20.58
N TRP C 68 4.74 -20.67 19.79
CA TRP C 68 3.62 -21.58 19.90
C TRP C 68 4.00 -22.90 19.27
N LYS C 69 3.17 -23.92 19.38
CA LYS C 69 3.57 -25.29 18.99
C LYS C 69 2.39 -26.03 18.41
N LEU C 70 2.53 -26.50 17.16
CA LEU C 70 1.46 -27.25 16.49
C LEU C 70 1.92 -28.65 16.30
N ASN C 71 1.04 -29.58 16.63
CA ASN C 71 1.29 -30.99 16.33
C ASN C 71 1.45 -31.28 14.85
N SER C 72 0.77 -30.51 13.99
CA SER C 72 0.82 -30.69 12.55
C SER C 72 2.13 -30.14 12.02
N LEU C 73 2.95 -29.47 12.84
CA LEU C 73 4.23 -29.05 12.28
C LEU C 73 5.36 -29.93 12.72
N MET C 74 5.06 -31.05 13.36
CA MET C 74 6.09 -31.97 13.84
C MET C 74 6.64 -32.82 12.69
N TRP C 75 7.89 -33.25 12.83
CA TRP C 75 8.49 -34.27 11.98
C TRP C 75 9.64 -34.96 12.73
N ASP C 76 10.05 -36.11 12.20
CA ASP C 76 11.16 -36.86 12.76
C ASP C 76 12.46 -36.40 12.02
N PRO C 77 13.44 -35.80 12.71
CA PRO C 77 14.62 -35.40 11.93
C PRO C 77 15.38 -36.54 11.20
N ASN C 78 15.13 -37.82 11.55
CA ASN C 78 15.85 -38.93 10.88
C ASN C 78 15.27 -39.19 9.50
N GLU C 79 13.99 -38.88 9.35
CA GLU C 79 13.36 -39.09 8.06
C GLU C 79 13.80 -37.97 7.09
N TYR C 80 14.59 -36.99 7.59
CA TYR C 80 14.88 -35.82 6.78
C TYR C 80 16.29 -35.34 6.85
N GLY C 81 17.22 -36.26 6.95
CA GLY C 81 18.60 -35.88 6.86
C GLY C 81 19.03 -35.00 8.00
N ASN C 82 18.51 -35.27 9.21
CA ASN C 82 18.93 -34.60 10.44
C ASN C 82 18.65 -33.09 10.52
N ILE C 83 17.63 -32.63 9.78
CA ILE C 83 17.19 -31.25 9.86
C ILE C 83 16.38 -31.09 11.14
N THR C 84 16.69 -30.13 11.98
CA THR C 84 15.98 -30.01 13.28
C THR C 84 14.97 -28.83 13.26
N ASP C 85 15.30 -27.86 12.40
CA ASP C 85 14.54 -26.67 12.14
C ASP C 85 14.76 -26.07 10.73
N PHE C 86 13.85 -25.19 10.33
CA PHE C 86 14.05 -24.36 9.17
C PHE C 86 13.36 -22.98 9.25
N ARG C 87 13.82 -22.03 8.43
CA ARG C 87 13.23 -20.71 8.39
C ARG C 87 12.08 -20.72 7.41
N THR C 88 11.07 -19.91 7.63
CA THR C 88 10.07 -19.91 6.59
C THR C 88 9.28 -18.65 6.56
N SER C 89 8.83 -18.33 5.37
CA SER C 89 7.94 -17.20 5.19
C SER C 89 6.69 -17.39 6.07
N ALA C 90 6.36 -16.35 6.80
CA ALA C 90 5.25 -16.35 7.71
C ALA C 90 3.90 -16.59 7.05
N ALA C 91 3.79 -16.26 5.75
CA ALA C 91 2.54 -16.47 4.98
C ALA C 91 2.24 -17.96 4.72
N ASP C 92 3.28 -18.79 4.76
CA ASP C 92 3.18 -20.22 4.54
C ASP C 92 2.67 -20.93 5.81
N ILE C 93 2.53 -20.21 6.93
CA ILE C 93 2.02 -20.88 8.12
C ILE C 93 0.99 -20.04 8.81
N TRP C 94 0.26 -20.68 9.73
CA TRP C 94 -0.69 -19.94 10.50
C TRP C 94 0.05 -19.04 11.51
N THR C 95 -0.38 -17.82 11.73
CA THR C 95 0.27 -16.99 12.76
C THR C 95 -0.87 -16.43 13.58
N PRO C 96 -0.59 -16.07 14.81
CA PRO C 96 -1.63 -15.59 15.70
C PRO C 96 -1.92 -14.13 15.46
N ASP C 97 -3.17 -13.73 15.61
CA ASP C 97 -3.59 -12.39 15.28
C ASP C 97 -3.43 -11.49 16.49
N ILE C 98 -2.21 -11.43 16.99
CA ILE C 98 -1.93 -10.64 18.18
C ILE C 98 -2.07 -9.18 17.88
N THR C 99 -2.98 -8.54 18.58
CA THR C 99 -3.32 -7.15 18.27
C THR C 99 -3.23 -6.24 19.45
N ALA C 100 -2.79 -5.03 19.22
CA ALA C 100 -2.73 -4.08 20.32
C ALA C 100 -4.13 -3.51 20.41
N TYR C 101 -4.67 -3.31 21.61
CA TYR C 101 -6.03 -2.91 21.72
C TYR C 101 -6.25 -1.42 21.70
N SER C 102 -5.20 -0.62 21.78
CA SER C 102 -5.48 0.78 21.86
C SER C 102 -4.57 1.54 20.98
N SER C 103 -4.27 0.91 19.85
CA SER C 103 -3.51 1.58 18.83
C SER C 103 -4.33 2.70 18.14
N THR C 104 -3.71 3.72 17.51
CA THR C 104 -4.45 4.76 16.90
C THR C 104 -4.11 4.86 15.47
N ARG C 105 -3.27 3.96 14.96
CA ARG C 105 -2.83 3.85 13.55
C ARG C 105 -2.46 2.40 13.31
N PRO C 106 -2.53 1.94 12.09
CA PRO C 106 -2.12 0.57 11.85
C PRO C 106 -0.62 0.41 12.21
N VAL C 107 -0.29 -0.71 12.84
CA VAL C 107 1.04 -1.05 13.10
C VAL C 107 1.92 -1.05 11.89
N GLN C 108 3.08 -0.45 12.01
CA GLN C 108 4.12 -0.57 10.95
C GLN C 108 5.14 -1.69 11.20
N VAL C 109 5.18 -2.67 10.30
CA VAL C 109 6.12 -3.76 10.39
C VAL C 109 7.52 -3.35 9.91
N LEU C 110 8.51 -3.67 10.75
CA LEU C 110 9.87 -3.21 10.50
C LEU C 110 10.74 -4.37 10.23
N SER C 111 10.27 -5.62 10.38
CA SER C 111 11.20 -6.69 10.14
C SER C 111 10.64 -7.71 9.18
N PRO C 112 11.52 -8.55 8.58
CA PRO C 112 11.01 -9.44 7.53
C PRO C 112 10.12 -10.44 8.18
N GLN C 113 9.08 -10.85 7.49
CA GLN C 113 8.07 -11.75 8.04
C GLN C 113 8.43 -13.19 7.78
N ILE C 114 9.33 -13.64 8.60
CA ILE C 114 9.81 -14.94 8.47
C ILE C 114 9.81 -15.47 9.86
N ALA C 115 9.43 -16.74 9.97
CA ALA C 115 9.43 -17.47 11.27
C ALA C 115 10.41 -18.63 11.34
N VAL C 116 10.65 -19.20 12.54
CA VAL C 116 11.48 -20.40 12.62
C VAL C 116 10.65 -21.55 13.10
N VAL C 117 10.71 -22.67 12.39
CA VAL C 117 9.96 -23.91 12.73
C VAL C 117 10.93 -24.98 13.15
N THR C 118 10.69 -25.58 14.33
CA THR C 118 11.51 -26.66 14.89
C THR C 118 10.72 -28.02 14.83
N HIS C 119 11.46 -29.13 14.81
CA HIS C 119 10.95 -30.48 14.52
C HIS C 119 9.83 -30.99 15.52
N ASP C 120 9.87 -30.42 16.73
CA ASP C 120 8.91 -30.72 17.78
C ASP C 120 7.62 -29.93 17.47
N GLY C 121 7.64 -29.04 16.48
CA GLY C 121 6.40 -28.41 16.06
C GLY C 121 6.27 -27.01 16.58
N SER C 122 7.25 -26.57 17.36
CA SER C 122 7.21 -25.18 17.79
C SER C 122 7.65 -24.17 16.72
N VAL C 123 7.09 -22.98 16.85
CA VAL C 123 7.33 -21.95 15.89
C VAL C 123 7.74 -20.76 16.67
N MET C 124 8.72 -20.05 16.17
CA MET C 124 9.11 -18.76 16.76
C MET C 124 9.01 -17.66 15.67
N PHE C 125 8.40 -16.54 16.05
CA PHE C 125 8.17 -15.42 15.17
C PHE C 125 8.43 -14.16 15.93
N ILE C 126 9.29 -13.28 15.38
CA ILE C 126 9.72 -12.10 16.15
C ILE C 126 9.59 -10.75 15.43
N PRO C 127 8.35 -10.34 15.20
CA PRO C 127 8.16 -9.10 14.45
C PRO C 127 8.51 -7.84 15.21
N ALA C 128 9.22 -6.95 14.51
CA ALA C 128 9.54 -5.65 15.01
C ALA C 128 8.52 -4.65 14.54
N GLN C 129 8.20 -3.64 15.36
CA GLN C 129 6.94 -2.88 15.06
C GLN C 129 7.10 -1.47 15.47
N ARG C 130 6.63 -0.53 14.64
CA ARG C 130 6.30 0.72 15.17
C ARG C 130 4.82 0.87 15.42
N LEU C 131 4.50 1.28 16.63
CA LEU C 131 3.10 1.32 17.15
C LEU C 131 2.80 2.74 17.71
N SER C 132 1.69 3.31 17.27
CA SER C 132 1.16 4.51 17.88
C SER C 132 0.05 4.05 18.79
N PHE C 133 0.02 4.42 20.07
CA PHE C 133 -1.22 4.08 20.82
C PHE C 133 -1.66 5.17 21.76
N MET C 134 -2.79 4.97 22.42
CA MET C 134 -3.30 5.93 23.39
C MET C 134 -2.48 6.12 24.66
N CYS C 135 -1.96 7.32 24.86
CA CYS C 135 -1.16 7.62 26.04
C CYS C 135 -1.04 9.10 26.30
N ASP C 136 -1.51 9.52 27.46
CA ASP C 136 -1.27 10.85 27.96
C ASP C 136 0.11 10.99 28.59
N PRO C 137 1.02 11.70 27.93
CA PRO C 137 2.33 11.90 28.50
C PRO C 137 2.40 13.08 29.49
N THR C 138 1.30 13.49 30.10
CA THR C 138 1.46 14.47 31.18
C THR C 138 2.40 13.97 32.29
N GLY C 139 3.33 14.83 32.68
CA GLY C 139 4.32 14.50 33.69
C GLY C 139 5.58 13.78 33.22
N VAL C 140 5.74 13.64 31.93
CA VAL C 140 6.95 13.04 31.39
C VAL C 140 8.16 13.88 31.72
N ASP C 141 7.91 15.15 32.02
CA ASP C 141 8.94 16.08 32.46
C ASP C 141 9.02 16.21 33.97
N SER C 142 8.60 15.20 34.70
CA SER C 142 8.74 15.18 36.14
C SER C 142 9.66 14.04 36.54
N GLU C 143 10.03 13.98 37.81
CA GLU C 143 10.82 12.89 38.22
C GLU C 143 10.08 11.55 38.06
N GLU C 144 8.84 11.49 38.46
CA GLU C 144 8.18 10.22 38.42
C GLU C 144 7.65 9.86 37.06
N GLY C 145 7.82 10.73 36.07
CA GLY C 145 7.46 10.42 34.72
C GLY C 145 5.96 10.17 34.47
N ALA C 146 5.71 9.48 33.36
CA ALA C 146 4.37 9.25 32.90
C ALA C 146 4.24 7.74 32.76
N THR C 147 3.03 7.25 32.80
CA THR C 147 2.85 5.86 32.81
C THR C 147 1.82 5.59 31.74
N CYS C 148 2.15 4.78 30.75
CA CYS C 148 1.18 4.39 29.74
C CYS C 148 1.11 2.86 29.63
N ALA C 149 0.04 2.33 29.07
CA ALA C 149 -0.25 0.94 29.10
C ALA C 149 -1.03 0.61 27.86
N VAL C 150 -0.68 -0.55 27.28
CA VAL C 150 -1.37 -1.06 26.17
C VAL C 150 -1.46 -2.56 26.23
N LYS C 151 -2.65 -3.08 25.95
CA LYS C 151 -3.01 -4.45 25.97
C LYS C 151 -2.80 -5.12 24.66
N PHE C 152 -2.25 -6.32 24.63
CA PHE C 152 -2.10 -7.09 23.43
C PHE C 152 -2.78 -8.46 23.60
N GLY C 153 -3.47 -8.92 22.54
CA GLY C 153 -4.06 -10.24 22.57
C GLY C 153 -4.66 -10.52 21.21
N SER C 154 -5.19 -11.73 21.06
CA SER C 154 -5.99 -12.12 19.93
C SER C 154 -7.25 -11.22 19.85
N TRP C 155 -7.67 -10.84 18.66
CA TRP C 155 -8.81 -9.94 18.49
C TRP C 155 -10.00 -10.87 18.51
N VAL C 156 -9.83 -12.06 17.94
CA VAL C 156 -11.02 -12.90 17.75
C VAL C 156 -11.02 -14.21 18.51
N TYR C 157 -9.90 -14.66 19.11
CA TYR C 157 -9.99 -15.95 19.84
C TYR C 157 -10.11 -15.73 21.31
N SER C 158 -11.07 -16.40 21.91
CA SER C 158 -11.24 -16.33 23.35
C SER C 158 -10.15 -17.12 24.08
N GLY C 159 -10.21 -17.03 25.39
CA GLY C 159 -9.26 -17.73 26.22
C GLY C 159 -9.45 -19.23 26.25
N PHE C 160 -10.47 -19.75 25.59
CA PHE C 160 -10.61 -21.18 25.53
C PHE C 160 -10.09 -21.64 24.21
N GLU C 161 -9.60 -20.72 23.35
CA GLU C 161 -9.05 -21.12 22.04
C GLU C 161 -7.49 -20.76 22.00
N ILE C 162 -7.16 -19.53 22.41
CA ILE C 162 -5.78 -19.08 22.50
C ILE C 162 -5.53 -18.66 23.93
N ASP C 163 -4.64 -19.34 24.62
CA ASP C 163 -4.16 -18.89 25.93
C ASP C 163 -2.90 -18.03 25.69
N LEU C 164 -2.59 -17.09 26.59
CA LEU C 164 -1.39 -16.30 26.55
C LEU C 164 -0.56 -16.53 27.81
N LYS C 165 0.75 -16.54 27.61
CA LYS C 165 1.71 -16.71 28.68
C LYS C 165 2.86 -15.75 28.44
N THR C 166 3.54 -15.34 29.51
CA THR C 166 4.81 -14.64 29.36
C THR C 166 5.85 -15.58 30.00
N ASP C 167 7.14 -15.47 29.61
CA ASP C 167 8.21 -16.10 30.40
C ASP C 167 8.57 -15.25 31.55
N THR C 168 8.38 -13.96 31.45
CA THR C 168 8.84 -13.21 32.59
C THR C 168 7.92 -12.05 32.57
N ASP C 169 7.86 -11.35 33.68
CA ASP C 169 7.05 -10.24 33.63
C ASP C 169 7.77 -8.89 33.49
N GLN C 170 9.07 -8.89 33.23
CA GLN C 170 9.83 -7.68 32.93
C GLN C 170 9.91 -7.49 31.43
N VAL C 171 9.66 -6.31 30.88
CA VAL C 171 9.96 -6.18 29.49
C VAL C 171 11.49 -6.31 29.35
N ASP C 172 11.96 -6.67 28.18
CA ASP C 172 13.38 -6.56 27.91
C ASP C 172 13.90 -5.16 27.55
N LEU C 173 14.74 -4.59 28.41
CA LEU C 173 15.27 -3.26 28.23
C LEU C 173 16.72 -3.26 27.75
N SER C 174 17.23 -4.45 27.48
CA SER C 174 18.63 -4.51 27.30
C SER C 174 19.05 -3.98 25.91
N SER C 175 18.10 -3.71 25.01
CA SER C 175 18.55 -2.96 23.82
C SER C 175 17.75 -1.67 23.66
N TYR C 176 17.40 -1.02 24.79
CA TYR C 176 16.66 0.20 24.68
C TYR C 176 17.71 1.20 24.24
N TYR C 177 17.33 2.05 23.30
CA TYR C 177 18.19 3.06 22.70
C TYR C 177 18.70 4.03 23.79
N ALA C 178 20.02 4.10 23.97
CA ALA C 178 20.59 4.82 25.14
C ALA C 178 20.45 6.32 24.90
N SER C 179 20.26 6.72 23.64
CA SER C 179 20.17 8.17 23.36
C SER C 179 18.80 8.65 22.98
N SER C 180 17.79 7.86 23.36
CA SER C 180 16.40 8.20 23.13
C SER C 180 16.03 9.43 23.86
N LYS C 181 15.06 10.17 23.37
CA LYS C 181 14.54 11.33 24.16
C LYS C 181 13.97 10.90 25.46
N TYR C 182 13.51 9.65 25.56
CA TYR C 182 12.92 9.19 26.83
C TYR C 182 13.72 8.07 27.42
N GLU C 183 13.90 8.12 28.74
CA GLU C 183 14.34 6.97 29.50
C GLU C 183 13.23 6.18 30.15
N ILE C 184 13.51 4.90 30.31
CA ILE C 184 12.53 4.04 30.89
C ILE C 184 12.69 3.85 32.35
N LEU C 185 11.67 4.09 33.12
CA LEU C 185 11.82 3.87 34.55
C LEU C 185 11.41 2.45 34.83
N SER C 186 10.40 1.95 34.13
CA SER C 186 10.01 0.55 34.28
C SER C 186 9.09 0.09 33.19
N ALA C 187 9.14 -1.21 32.91
CA ALA C 187 8.38 -1.73 31.83
C ALA C 187 8.03 -3.11 32.18
N THR C 188 6.74 -3.38 32.40
CA THR C 188 6.29 -4.73 32.75
C THR C 188 5.35 -5.29 31.68
N GLN C 189 5.20 -6.60 31.71
CA GLN C 189 4.28 -7.22 30.80
C GLN C 189 3.57 -8.33 31.60
N THR C 190 2.26 -8.26 31.65
CA THR C 190 1.49 -9.04 32.64
C THR C 190 0.22 -9.63 32.00
N ARG C 191 0.01 -10.92 32.14
CA ARG C 191 -1.26 -11.53 31.66
C ARG C 191 -2.53 -11.01 32.39
N GLN C 192 -3.62 -10.85 31.62
CA GLN C 192 -4.93 -10.41 32.18
C GLN C 192 -6.03 -11.07 31.45
N VAL C 193 -7.21 -10.99 32.06
CA VAL C 193 -8.45 -11.58 31.55
C VAL C 193 -9.53 -10.50 31.43
N GLN C 194 -10.26 -10.49 30.30
CA GLN C 194 -11.32 -9.46 30.00
C GLN C 194 -12.56 -10.20 29.52
N HIS C 195 -13.72 -9.56 29.67
CA HIS C 195 -14.89 -9.94 28.87
C HIS C 195 -15.22 -8.83 27.90
N TYR C 196 -15.78 -9.19 26.75
CA TYR C 196 -16.26 -8.20 25.75
C TYR C 196 -17.75 -8.29 25.47
N SER C 197 -18.32 -7.16 25.07
CA SER C 197 -19.79 -7.11 25.01
C SER C 197 -20.43 -8.22 24.15
N CYS C 198 -19.69 -8.69 23.16
CA CYS C 198 -20.16 -9.69 22.21
C CYS C 198 -20.35 -11.06 22.78
N CYS C 199 -19.61 -11.40 23.83
CA CYS C 199 -19.31 -12.83 24.07
C CYS C 199 -19.25 -13.18 25.54
N PRO C 200 -19.74 -14.38 25.87
CA PRO C 200 -19.64 -14.99 27.20
C PRO C 200 -18.18 -15.26 27.60
N GLU C 201 -17.38 -15.84 26.69
CA GLU C 201 -16.07 -16.33 27.00
C GLU C 201 -15.10 -15.25 27.40
N PRO C 202 -14.27 -15.51 28.38
CA PRO C 202 -13.25 -14.46 28.63
C PRO C 202 -12.11 -14.45 27.58
N TYR C 203 -11.47 -13.31 27.40
CA TYR C 203 -10.37 -13.11 26.41
C TYR C 203 -9.11 -12.78 27.15
N ILE C 204 -7.98 -13.25 26.66
CA ILE C 204 -6.70 -13.08 27.33
C ILE C 204 -5.87 -12.00 26.71
N ASP C 205 -5.30 -11.12 27.53
CA ASP C 205 -4.38 -10.15 27.00
C ASP C 205 -3.12 -10.08 27.85
N VAL C 206 -2.05 -9.63 27.23
CA VAL C 206 -0.85 -9.25 27.94
C VAL C 206 -0.70 -7.72 27.92
N ASN C 207 -0.69 -7.10 29.08
CA ASN C 207 -0.68 -5.65 29.23
C ASN C 207 0.77 -5.16 29.40
N LEU C 208 1.24 -4.30 28.51
CA LEU C 208 2.51 -3.64 28.61
C LEU C 208 2.36 -2.37 29.44
N VAL C 209 2.84 -2.35 30.69
CA VAL C 209 2.93 -1.06 31.40
C VAL C 209 4.30 -0.44 31.30
N VAL C 210 4.39 0.79 30.84
CA VAL C 210 5.67 1.42 30.65
C VAL C 210 5.73 2.73 31.37
N LYS C 211 6.66 2.91 32.30
CA LYS C 211 6.89 4.23 32.90
C LYS C 211 8.13 4.88 32.35
N PHE C 212 8.05 6.17 32.01
CA PHE C 212 9.10 6.85 31.25
C PHE C 212 9.11 8.35 31.52
N ARG C 213 10.26 8.99 31.20
CA ARG C 213 10.46 10.40 31.40
C ARG C 213 11.45 11.02 30.46
N GLU C 214 11.30 12.31 30.22
CA GLU C 214 12.28 12.98 29.37
C GLU C 214 13.71 12.81 29.89
N ARG C 215 14.63 12.28 29.09
CA ARG C 215 16.04 12.23 29.44
C ARG C 215 16.55 13.64 29.81
N ARG C 216 17.13 13.83 31.01
CA ARG C 216 17.85 15.13 31.34
C ARG C 216 19.05 14.99 32.27
N ASP D 5 17.44 -11.44 -36.12
CA ASP D 5 17.50 -12.91 -36.50
C ASP D 5 18.19 -13.86 -35.49
N ASP D 6 19.51 -13.67 -35.29
CA ASP D 6 20.26 -14.22 -34.15
C ASP D 6 19.74 -13.53 -32.89
N LYS D 7 18.97 -12.44 -33.07
CA LYS D 7 18.30 -11.69 -32.01
C LYS D 7 17.20 -12.51 -31.39
N LEU D 8 16.41 -13.16 -32.25
CA LEU D 8 15.40 -14.14 -31.86
C LEU D 8 16.03 -15.34 -31.16
N HIS D 9 17.11 -15.84 -31.75
CA HIS D 9 17.90 -16.87 -31.15
C HIS D 9 18.48 -16.51 -29.75
N SER D 10 19.21 -15.39 -29.59
CA SER D 10 19.63 -14.98 -28.22
C SER D 10 18.44 -14.73 -27.28
N GLN D 11 17.30 -14.32 -27.80
CA GLN D 11 16.12 -14.23 -26.96
C GLN D 11 15.68 -15.63 -26.49
N ALA D 12 15.57 -16.59 -27.40
CA ALA D 12 15.26 -17.99 -27.04
C ALA D 12 16.26 -18.59 -26.05
N ASN D 13 17.55 -18.34 -26.26
CA ASN D 13 18.54 -18.82 -25.35
C ASN D 13 18.36 -18.33 -23.91
N LEU D 14 18.18 -17.02 -23.76
CA LEU D 14 17.85 -16.49 -22.48
C LEU D 14 16.55 -17.07 -21.89
N MET D 15 15.46 -17.25 -22.65
CA MET D 15 14.22 -17.77 -22.03
C MET D 15 14.50 -19.22 -21.60
N ARG D 16 15.20 -19.95 -22.44
CA ARG D 16 15.55 -21.31 -22.13
C ARG D 16 16.41 -21.42 -20.90
N LEU D 17 17.41 -20.57 -20.79
CA LEU D 17 18.22 -20.57 -19.57
C LEU D 17 17.41 -20.33 -18.26
N LYS D 18 16.66 -19.21 -18.28
CA LYS D 18 15.73 -18.85 -17.22
C LYS D 18 14.86 -20.00 -16.80
N SER D 19 14.19 -20.62 -17.74
CA SER D 19 13.42 -21.81 -17.40
C SER D 19 14.24 -23.03 -16.98
N ASP D 20 15.40 -23.27 -17.57
CA ASP D 20 16.25 -24.29 -16.95
C ASP D 20 16.63 -23.99 -15.52
N LEU D 21 16.86 -22.73 -15.21
CA LEU D 21 17.20 -22.38 -13.85
C LEU D 21 16.01 -22.49 -12.90
N PHE D 22 14.88 -21.97 -13.30
CA PHE D 22 13.88 -21.73 -12.29
C PHE D 22 12.94 -22.89 -12.12
N ASN D 23 12.59 -23.48 -13.25
CA ASN D 23 11.63 -24.56 -13.32
C ASN D 23 12.35 -25.89 -13.28
N ARG D 24 13.49 -25.92 -12.62
CA ARG D 24 14.21 -27.17 -12.48
C ARG D 24 15.36 -27.07 -11.50
N SER D 25 15.53 -28.10 -10.68
CA SER D 25 15.05 -28.07 -9.30
C SER D 25 14.90 -26.65 -8.80
N PRO D 26 13.92 -26.44 -7.94
CA PRO D 26 13.31 -25.12 -7.75
C PRO D 26 13.07 -24.83 -6.28
N MET D 27 12.29 -23.80 -6.00
CA MET D 27 12.86 -22.55 -5.50
C MET D 27 13.65 -22.82 -4.24
N TYR D 28 14.88 -22.33 -4.22
CA TYR D 28 15.87 -22.79 -3.26
C TYR D 28 15.50 -22.20 -1.94
N PRO D 29 15.47 -23.04 -0.93
CA PRO D 29 14.81 -22.73 0.31
C PRO D 29 15.59 -21.82 1.28
N GLY D 30 16.69 -21.22 0.82
CA GLY D 30 17.48 -20.31 1.65
C GLY D 30 18.65 -21.11 2.17
N PRO D 31 19.55 -20.50 2.94
CA PRO D 31 20.72 -21.18 3.40
C PRO D 31 20.42 -21.95 4.68
N THR D 32 21.28 -22.93 5.03
CA THR D 32 21.11 -23.77 6.23
C THR D 32 22.51 -23.94 6.79
N LYS D 33 22.59 -24.51 8.01
CA LYS D 33 23.86 -24.86 8.67
C LYS D 33 24.68 -25.70 7.75
N ASP D 34 24.04 -26.58 6.99
CA ASP D 34 24.74 -27.47 6.07
C ASP D 34 25.12 -26.81 4.76
N ASP D 35 24.45 -25.71 4.44
CA ASP D 35 24.66 -25.02 3.19
C ASP D 35 24.65 -23.48 3.49
N PRO D 36 25.69 -22.99 4.22
CA PRO D 36 25.76 -21.57 4.62
C PRO D 36 26.09 -20.65 3.47
N LEU D 37 25.96 -19.38 3.69
CA LEU D 37 26.08 -18.48 2.59
C LEU D 37 26.64 -17.21 3.17
N THR D 38 27.54 -16.62 2.42
CA THR D 38 28.15 -15.34 2.75
C THR D 38 27.65 -14.28 1.76
N VAL D 39 27.02 -13.23 2.34
CA VAL D 39 26.58 -12.04 1.64
C VAL D 39 27.57 -10.96 1.95
N THR D 40 28.03 -10.28 0.91
CA THR D 40 28.92 -9.19 0.97
C THR D 40 27.97 -8.00 0.90
N LEU D 41 28.10 -7.07 1.85
CA LEU D 41 27.32 -5.86 1.93
C LEU D 41 28.22 -4.65 1.78
N GLY D 42 27.78 -3.63 1.07
CA GLY D 42 28.53 -2.35 0.94
C GLY D 42 27.53 -1.18 0.86
N PHE D 43 27.81 -0.02 1.45
CA PHE D 43 26.81 1.06 1.38
C PHE D 43 27.32 2.25 0.64
N THR D 44 26.47 2.89 -0.11
CA THR D 44 26.80 4.06 -0.81
C THR D 44 25.92 5.17 -0.25
N LEU D 45 26.50 6.08 0.51
CA LEU D 45 25.66 7.02 1.17
C LEU D 45 25.37 8.24 0.30
N GLN D 46 24.10 8.53 0.04
CA GLN D 46 23.77 9.66 -0.90
C GLN D 46 23.43 10.97 -0.28
N ASP D 47 22.73 10.91 0.87
CA ASP D 47 22.17 12.12 1.51
C ASP D 47 21.70 11.78 2.92
N ILE D 48 21.94 12.68 3.87
CA ILE D 48 21.24 12.73 5.12
C ILE D 48 20.25 13.81 4.87
N VAL D 49 19.01 13.43 4.58
CA VAL D 49 17.89 14.30 4.22
C VAL D 49 17.40 15.16 5.36
N LYS D 50 17.36 14.61 6.56
CA LYS D 50 16.69 15.17 7.74
C LYS D 50 17.24 14.55 9.05
N ALA D 51 17.44 15.38 10.06
CA ALA D 51 17.89 14.96 11.38
C ALA D 51 16.89 15.56 12.37
N ASP D 52 16.07 14.78 13.06
CA ASP D 52 15.01 15.38 13.81
C ASP D 52 15.41 15.38 15.26
N SER D 53 15.71 16.52 15.83
CA SER D 53 16.15 16.53 17.21
C SER D 53 14.95 16.39 18.22
N SER D 54 13.72 16.42 17.75
CA SER D 54 12.68 16.29 18.75
C SER D 54 12.29 14.80 18.93
N THR D 55 12.70 13.93 18.00
CA THR D 55 12.38 12.49 18.15
C THR D 55 13.62 11.63 18.14
N ASN D 56 14.75 12.27 17.83
CA ASN D 56 16.01 11.58 17.61
C ASN D 56 15.95 10.47 16.59
N GLU D 57 15.36 10.82 15.43
CA GLU D 57 15.39 10.04 14.17
C GLU D 57 16.26 10.77 13.12
N VAL D 58 17.07 10.06 12.33
CA VAL D 58 17.73 10.66 11.20
C VAL D 58 17.28 9.94 9.94
N ASP D 59 17.14 10.68 8.86
CA ASP D 59 16.67 10.08 7.61
C ASP D 59 17.81 10.00 6.59
N LEU D 60 18.15 8.83 6.06
CA LEU D 60 19.25 8.67 5.11
C LEU D 60 18.64 8.12 3.88
N VAL D 61 19.27 8.43 2.73
CA VAL D 61 19.04 7.79 1.44
C VAL D 61 20.39 7.24 1.03
N TYR D 62 20.44 5.97 0.56
CA TYR D 62 21.70 5.26 0.27
C TYR D 62 21.47 4.00 -0.61
N TYR D 63 22.50 3.42 -1.21
CA TYR D 63 22.31 2.20 -2.00
C TYR D 63 22.99 1.13 -1.19
N GLU D 64 22.36 0.00 -1.05
CA GLU D 64 22.94 -1.09 -0.27
C GLU D 64 23.27 -2.15 -1.31
N GLN D 65 24.55 -2.37 -1.52
CA GLN D 65 25.06 -3.37 -2.44
C GLN D 65 25.13 -4.73 -1.77
N GLN D 66 24.32 -5.65 -2.24
CA GLN D 66 24.32 -7.01 -1.73
C GLN D 66 24.85 -7.92 -2.83
N ARG D 67 25.68 -8.87 -2.42
CA ARG D 67 26.36 -9.80 -3.31
C ARG D 67 26.42 -11.18 -2.65
N TRP D 68 25.96 -12.20 -3.38
CA TRP D 68 26.11 -13.54 -2.87
C TRP D 68 26.21 -14.50 -4.05
N LYS D 69 26.33 -15.77 -3.79
CA LYS D 69 26.55 -16.72 -4.85
C LYS D 69 25.89 -18.02 -4.47
N LEU D 70 25.18 -18.62 -5.41
CA LEU D 70 24.50 -19.90 -5.24
C LEU D 70 24.88 -20.89 -6.35
N ASN D 71 25.28 -22.09 -5.93
CA ASN D 71 25.46 -23.21 -6.85
C ASN D 71 24.30 -23.42 -7.82
N SER D 72 23.09 -23.19 -7.34
CA SER D 72 21.89 -23.49 -8.10
C SER D 72 21.67 -22.51 -9.25
N LEU D 73 22.59 -21.58 -9.39
CA LEU D 73 22.43 -20.51 -10.36
C LEU D 73 23.58 -20.48 -11.33
N MET D 74 24.39 -21.53 -11.28
CA MET D 74 25.47 -21.69 -12.22
C MET D 74 24.95 -22.24 -13.54
N TRP D 75 25.43 -21.68 -14.62
CA TRP D 75 25.29 -22.37 -15.90
C TRP D 75 26.53 -22.23 -16.71
N ASP D 76 26.63 -23.01 -17.79
CA ASP D 76 27.70 -22.88 -18.76
C ASP D 76 27.31 -21.97 -19.89
N PRO D 77 27.99 -20.85 -20.03
CA PRO D 77 27.79 -19.98 -21.19
C PRO D 77 27.70 -20.66 -22.63
N ASN D 78 28.59 -21.61 -23.00
CA ASN D 78 28.57 -22.18 -24.36
C ASN D 78 27.31 -22.99 -24.65
N GLU D 79 26.57 -23.35 -23.60
CA GLU D 79 25.34 -24.10 -23.73
C GLU D 79 24.11 -23.17 -23.95
N TYR D 80 24.30 -21.85 -23.81
CA TYR D 80 23.25 -20.89 -23.97
C TYR D 80 23.66 -19.67 -24.85
N GLY D 81 24.28 -19.96 -25.98
CA GLY D 81 24.75 -18.92 -26.87
C GLY D 81 25.64 -17.90 -26.20
N ASN D 82 26.40 -18.33 -25.21
CA ASN D 82 27.43 -17.50 -24.65
C ASN D 82 26.86 -16.34 -23.85
N ILE D 83 25.69 -16.57 -23.28
CA ILE D 83 25.15 -15.70 -22.27
C ILE D 83 25.93 -15.83 -20.97
N THR D 84 26.46 -14.71 -20.51
CA THR D 84 27.25 -14.69 -19.30
C THR D 84 26.45 -14.13 -18.11
N ASP D 85 25.42 -13.32 -18.36
CA ASP D 85 24.60 -12.90 -17.23
C ASP D 85 23.20 -12.45 -17.62
N PHE D 86 22.34 -12.17 -16.65
CA PHE D 86 21.07 -11.61 -17.00
C PHE D 86 20.39 -10.82 -15.88
N ARG D 87 19.44 -9.99 -16.26
CA ARG D 87 18.62 -9.27 -15.30
C ARG D 87 17.40 -10.07 -14.99
N THR D 88 16.91 -9.97 -13.74
CA THR D 88 15.72 -10.70 -13.38
C THR D 88 15.15 -9.99 -12.21
N SER D 89 13.83 -10.04 -12.21
CA SER D 89 13.03 -9.47 -11.15
C SER D 89 13.45 -10.16 -9.86
N ALA D 90 13.58 -9.41 -8.79
CA ALA D 90 14.06 -9.95 -7.56
C ALA D 90 13.08 -10.97 -6.91
N ALA D 91 11.78 -10.76 -7.09
CA ALA D 91 10.77 -11.76 -6.77
C ALA D 91 11.01 -13.18 -7.32
N ASP D 92 11.84 -13.27 -8.36
CA ASP D 92 12.09 -14.51 -9.07
C ASP D 92 13.07 -15.43 -8.33
N ILE D 93 13.87 -14.85 -7.44
CA ILE D 93 15.00 -15.59 -6.87
C ILE D 93 14.91 -15.33 -5.43
N TRP D 94 15.78 -16.00 -4.68
CA TRP D 94 15.85 -15.77 -3.25
C TRP D 94 16.69 -14.51 -2.98
N THR D 95 16.34 -13.68 -2.01
CA THR D 95 17.24 -12.55 -1.65
C THR D 95 17.42 -12.57 -0.13
N PRO D 96 18.44 -11.95 0.40
CA PRO D 96 18.66 -12.02 1.84
C PRO D 96 17.79 -11.02 2.61
N ASP D 97 17.48 -11.33 3.85
CA ASP D 97 16.63 -10.50 4.68
C ASP D 97 17.42 -9.49 5.50
N ILE D 98 18.18 -8.65 4.82
CA ILE D 98 18.96 -7.65 5.49
C ILE D 98 18.14 -6.48 5.99
N THR D 99 18.21 -6.29 7.30
CA THR D 99 17.36 -5.34 8.04
C THR D 99 18.26 -4.46 8.90
N ALA D 100 17.94 -3.19 8.96
CA ALA D 100 18.46 -2.22 9.91
C ALA D 100 17.89 -2.61 11.22
N TYR D 101 18.66 -2.57 12.30
CA TYR D 101 18.22 -3.02 13.59
C TYR D 101 17.59 -1.96 14.40
N SER D 102 17.86 -0.72 14.07
CA SER D 102 17.27 0.40 14.80
C SER D 102 16.45 1.32 13.87
N SER D 103 15.63 0.79 12.96
CA SER D 103 14.81 1.67 12.11
C SER D 103 13.67 2.06 12.96
N THR D 104 12.98 3.15 12.58
CA THR D 104 11.82 3.57 13.25
C THR D 104 10.66 3.62 12.32
N ARG D 105 10.86 3.48 11.02
CA ARG D 105 9.73 3.42 10.02
C ARG D 105 10.04 2.30 9.03
N PRO D 106 9.04 1.74 8.39
CA PRO D 106 9.50 0.75 7.37
C PRO D 106 10.36 1.46 6.26
N VAL D 107 11.30 0.75 5.65
CA VAL D 107 12.29 1.31 4.73
C VAL D 107 11.57 1.64 3.47
N GLN D 108 11.85 2.78 2.86
CA GLN D 108 11.12 3.04 1.55
C GLN D 108 12.05 2.74 0.35
N VAL D 109 11.60 1.89 -0.55
CA VAL D 109 12.49 1.42 -1.64
C VAL D 109 12.43 2.42 -2.77
N LEU D 110 13.58 2.95 -3.22
CA LEU D 110 13.53 3.96 -4.25
C LEU D 110 13.98 3.41 -5.62
N SER D 111 14.38 2.14 -5.75
CA SER D 111 14.88 1.69 -7.04
C SER D 111 14.15 0.43 -7.41
N PRO D 112 14.09 0.10 -8.70
CA PRO D 112 13.36 -1.10 -9.16
C PRO D 112 14.01 -2.38 -8.56
N GLN D 113 13.23 -3.40 -8.28
CA GLN D 113 13.70 -4.55 -7.57
C GLN D 113 14.18 -5.62 -8.61
N ILE D 114 15.37 -5.39 -9.18
CA ILE D 114 15.88 -6.18 -10.20
C ILE D 114 17.30 -6.45 -9.85
N ALA D 115 17.69 -7.72 -9.95
CA ALA D 115 19.05 -8.15 -9.65
C ALA D 115 19.71 -8.63 -10.94
N VAL D 116 21.00 -8.90 -10.90
CA VAL D 116 21.74 -9.44 -11.97
C VAL D 116 22.32 -10.74 -11.56
N VAL D 117 22.14 -11.78 -12.36
CA VAL D 117 22.77 -13.05 -12.08
C VAL D 117 23.88 -13.32 -13.08
N THR D 118 24.96 -13.94 -12.64
CA THR D 118 26.05 -14.19 -13.53
C THR D 118 26.26 -15.68 -13.61
N HIS D 119 26.85 -16.13 -14.71
CA HIS D 119 26.95 -17.58 -14.99
C HIS D 119 27.64 -18.41 -13.90
N ASP D 120 28.39 -17.72 -13.07
CA ASP D 120 29.15 -18.40 -12.05
C ASP D 120 28.26 -18.51 -10.82
N GLY D 121 27.07 -17.95 -10.84
CA GLY D 121 26.11 -18.25 -9.77
C GLY D 121 26.03 -17.04 -8.86
N SER D 122 26.79 -16.01 -9.15
CA SER D 122 26.68 -14.90 -8.27
C SER D 122 25.52 -14.04 -8.64
N VAL D 123 25.09 -13.29 -7.65
CA VAL D 123 24.00 -12.43 -7.82
C VAL D 123 24.41 -11.09 -7.30
N MET D 124 24.00 -10.05 -8.00
CA MET D 124 24.08 -8.68 -7.47
C MET D 124 22.74 -7.95 -7.27
N PHE D 125 22.58 -7.21 -6.19
CA PHE D 125 21.28 -6.58 -5.99
C PHE D 125 21.58 -5.25 -5.27
N ILE D 126 21.07 -4.12 -5.80
CA ILE D 126 21.43 -2.80 -5.23
C ILE D 126 20.18 -2.01 -4.92
N PRO D 127 19.50 -2.38 -3.85
CA PRO D 127 18.28 -1.58 -3.64
C PRO D 127 18.71 -0.21 -3.12
N ALA D 128 18.17 0.86 -3.71
CA ALA D 128 18.28 2.19 -3.10
C ALA D 128 17.22 2.31 -2.01
N GLN D 129 17.52 2.98 -0.90
CA GLN D 129 16.50 3.04 0.11
C GLN D 129 16.43 4.33 0.82
N ARG D 130 15.30 4.67 1.38
CA ARG D 130 15.30 5.70 2.38
C ARG D 130 15.04 5.11 3.78
N LEU D 131 15.91 5.34 4.75
CA LEU D 131 15.75 4.83 6.09
C LEU D 131 15.62 5.95 7.14
N SER D 132 14.60 5.88 8.05
CA SER D 132 14.62 6.61 9.32
C SER D 132 15.17 5.71 10.45
N PHE D 133 16.22 6.15 11.14
CA PHE D 133 16.74 5.32 12.25
C PHE D 133 17.01 6.07 13.50
N MET D 134 17.27 5.36 14.57
CA MET D 134 17.47 6.03 15.88
C MET D 134 18.76 6.80 15.96
N CYS D 135 18.68 8.11 16.18
CA CYS D 135 19.93 8.82 16.16
C CYS D 135 19.73 10.15 16.80
N ASP D 136 20.54 10.46 17.83
CA ASP D 136 20.48 11.71 18.53
C ASP D 136 21.40 12.72 17.76
N PRO D 137 20.82 13.75 17.11
CA PRO D 137 21.74 14.67 16.36
C PRO D 137 22.42 15.80 17.20
N THR D 138 22.54 15.62 18.52
CA THR D 138 23.21 16.66 19.36
C THR D 138 24.61 16.79 18.91
N GLY D 139 25.02 18.03 18.63
CA GLY D 139 26.36 18.25 18.22
C GLY D 139 26.43 18.53 16.75
N VAL D 140 25.38 18.28 15.98
CA VAL D 140 25.40 18.46 14.54
C VAL D 140 25.62 19.89 14.12
N ASP D 141 25.30 20.85 14.98
CA ASP D 141 25.57 22.26 14.68
C ASP D 141 26.94 22.70 15.17
N SER D 142 27.78 21.78 15.62
CA SER D 142 29.14 22.13 16.08
C SER D 142 30.25 21.62 15.12
N GLU D 143 31.51 21.81 15.52
CA GLU D 143 32.69 21.52 14.69
C GLU D 143 32.83 20.03 14.66
N GLU D 144 32.67 19.44 15.83
CA GLU D 144 32.79 18.01 16.02
C GLU D 144 31.60 17.33 15.35
N GLY D 145 30.44 18.01 15.29
CA GLY D 145 29.23 17.43 14.67
C GLY D 145 28.67 16.29 15.53
N ALA D 146 27.92 15.39 14.90
CA ALA D 146 27.28 14.30 15.64
C ALA D 146 27.72 12.96 15.16
N THR D 147 27.54 11.93 15.93
CA THR D 147 27.86 10.63 15.41
C THR D 147 26.72 9.66 15.57
N CYS D 148 26.39 8.91 14.50
CA CYS D 148 25.36 7.87 14.63
C CYS D 148 25.80 6.55 14.07
N ALA D 149 25.10 5.50 14.42
CA ALA D 149 25.49 4.14 14.07
C ALA D 149 24.17 3.34 13.90
N VAL D 150 24.09 2.51 12.86
CA VAL D 150 22.97 1.57 12.72
C VAL D 150 23.49 0.22 12.18
N LYS D 151 23.10 -0.87 12.79
CA LYS D 151 23.52 -2.15 12.27
C LYS D 151 22.62 -2.72 11.20
N PHE D 152 23.25 -3.40 10.24
CA PHE D 152 22.50 -4.19 9.25
C PHE D 152 22.78 -5.67 9.31
N GLY D 153 21.77 -6.54 9.26
CA GLY D 153 22.05 -7.96 9.23
C GLY D 153 20.81 -8.79 9.02
N SER D 154 20.96 -10.09 8.67
CA SER D 154 19.79 -10.94 8.54
C SER D 154 18.99 -10.77 9.86
N TRP D 155 17.67 -10.85 9.85
CA TRP D 155 16.90 -10.85 11.10
C TRP D 155 16.69 -12.23 11.56
N VAL D 156 16.67 -13.17 10.65
CA VAL D 156 16.37 -14.55 11.15
C VAL D 156 17.44 -15.60 10.96
N TYR D 157 18.49 -15.32 10.23
CA TYR D 157 19.52 -16.30 10.04
C TYR D 157 20.72 -15.98 10.90
N SER D 158 21.13 -16.93 11.72
CA SER D 158 22.38 -16.80 12.56
C SER D 158 23.64 -16.80 11.67
N GLY D 159 24.80 -16.57 12.30
CA GLY D 159 26.09 -16.65 11.58
C GLY D 159 26.42 -17.99 10.88
N PHE D 160 25.79 -19.09 11.33
CA PHE D 160 25.95 -20.43 10.79
C PHE D 160 25.12 -20.63 9.56
N GLU D 161 24.24 -19.67 9.19
CA GLU D 161 23.44 -19.78 7.98
C GLU D 161 23.77 -18.68 6.98
N ILE D 162 23.85 -17.44 7.46
CA ILE D 162 24.29 -16.30 6.65
C ILE D 162 25.41 -15.56 7.34
N ASP D 163 26.62 -15.54 6.75
CA ASP D 163 27.71 -14.76 7.29
C ASP D 163 27.71 -13.49 6.51
N LEU D 164 28.21 -12.41 7.11
CA LEU D 164 28.35 -11.18 6.32
C LEU D 164 29.78 -10.73 6.13
N LYS D 165 30.05 -10.05 5.04
CA LYS D 165 31.39 -9.49 4.87
C LYS D 165 31.28 -8.16 4.17
N THR D 166 32.29 -7.31 4.31
CA THR D 166 32.36 -6.09 3.54
C THR D 166 33.57 -6.20 2.58
N ASP D 167 33.62 -5.34 1.55
CA ASP D 167 34.72 -5.23 0.52
C ASP D 167 35.75 -4.20 1.01
N THR D 168 35.29 -3.32 1.90
CA THR D 168 36.08 -2.24 2.45
C THR D 168 35.36 -1.72 3.71
N ASP D 169 36.12 -1.04 4.53
CA ASP D 169 35.61 -0.39 5.70
C ASP D 169 35.10 1.01 5.49
N GLN D 170 35.26 1.49 4.27
CA GLN D 170 34.95 2.86 4.02
C GLN D 170 33.65 2.92 3.28
N VAL D 171 32.67 3.68 3.79
CA VAL D 171 31.46 3.90 3.03
C VAL D 171 31.75 4.65 1.68
N ASP D 172 31.19 4.18 0.59
CA ASP D 172 31.19 4.97 -0.62
C ASP D 172 30.49 6.31 -0.43
N LEU D 173 31.28 7.38 -0.44
CA LEU D 173 30.79 8.74 -0.50
C LEU D 173 30.96 9.43 -1.86
N SER D 174 31.32 8.73 -2.91
CA SER D 174 31.55 9.52 -4.12
C SER D 174 30.24 10.03 -4.77
N SER D 175 29.08 9.58 -4.30
CA SER D 175 27.78 10.11 -4.76
C SER D 175 27.03 10.91 -3.73
N TYR D 176 27.70 11.31 -2.70
CA TYR D 176 27.01 11.98 -1.66
C TYR D 176 26.55 13.35 -2.18
N TYR D 177 25.26 13.68 -2.04
CA TYR D 177 24.72 14.95 -2.49
C TYR D 177 25.58 16.12 -1.97
N ALA D 178 26.28 16.80 -2.90
CA ALA D 178 27.14 17.94 -2.57
C ALA D 178 26.42 19.11 -1.90
N SER D 179 25.09 19.27 -2.11
CA SER D 179 24.40 20.36 -1.38
C SER D 179 23.45 19.86 -0.32
N SER D 180 23.72 18.69 0.28
CA SER D 180 22.88 18.25 1.41
C SER D 180 22.96 19.31 2.51
N LYS D 181 22.02 19.24 3.45
CA LYS D 181 22.07 20.14 4.59
C LYS D 181 23.19 19.70 5.49
N TYR D 182 23.53 18.43 5.44
CA TYR D 182 24.56 17.90 6.32
C TYR D 182 25.78 17.47 5.52
N GLU D 183 26.98 17.81 5.98
CA GLU D 183 28.14 17.20 5.32
C GLU D 183 28.72 16.04 6.15
N ILE D 184 29.46 15.18 5.43
CA ILE D 184 29.93 13.95 6.00
C ILE D 184 31.36 14.10 6.48
N LEU D 185 31.60 13.81 7.74
CA LEU D 185 32.93 13.80 8.21
C LEU D 185 33.61 12.43 8.12
N SER D 186 32.88 11.37 8.44
CA SER D 186 33.35 10.00 8.23
C SER D 186 32.18 9.03 8.25
N ALA D 187 32.37 7.90 7.62
CA ALA D 187 31.32 6.95 7.44
C ALA D 187 32.09 5.68 7.22
N THR D 188 32.01 4.76 8.18
CA THR D 188 32.59 3.48 8.03
C THR D 188 31.53 2.34 8.11
N GLN D 189 31.97 1.14 7.75
CA GLN D 189 31.13 -0.05 7.68
C GLN D 189 32.00 -1.23 8.13
N THR D 190 31.70 -1.75 9.34
CA THR D 190 32.48 -2.78 9.95
C THR D 190 31.59 -3.96 10.35
N ARG D 191 32.01 -5.19 9.96
CA ARG D 191 31.40 -6.44 10.46
C ARG D 191 31.48 -6.60 11.99
N GLN D 192 30.36 -6.98 12.63
CA GLN D 192 30.26 -7.39 14.07
C GLN D 192 29.54 -8.73 14.31
N VAL D 193 29.73 -9.29 15.54
CA VAL D 193 28.93 -10.38 16.12
C VAL D 193 27.96 -9.97 17.28
N GLN D 194 26.72 -10.46 17.26
CA GLN D 194 25.79 -10.18 18.38
C GLN D 194 25.15 -11.48 18.88
N HIS D 195 24.63 -11.43 20.10
CA HIS D 195 23.79 -12.51 20.59
C HIS D 195 22.39 -11.99 20.99
N TYR D 196 21.39 -12.83 20.81
CA TYR D 196 20.00 -12.46 21.10
C TYR D 196 19.36 -13.45 22.06
N SER D 197 18.45 -12.98 22.91
CA SER D 197 17.84 -13.85 23.95
C SER D 197 17.31 -15.18 23.49
N CYS D 198 16.85 -15.25 22.25
CA CYS D 198 16.15 -16.41 21.72
C CYS D 198 17.06 -17.58 21.48
N CYS D 199 18.36 -17.31 21.35
CA CYS D 199 19.24 -18.26 20.63
C CYS D 199 20.69 -18.21 21.13
N PRO D 200 21.37 -19.38 21.21
CA PRO D 200 22.79 -19.28 21.59
C PRO D 200 23.64 -18.83 20.43
N GLU D 201 23.17 -19.07 19.22
CA GLU D 201 23.93 -18.76 17.99
C GLU D 201 24.25 -17.28 17.74
N PRO D 202 25.48 -17.01 17.24
CA PRO D 202 25.94 -15.65 17.01
C PRO D 202 25.25 -15.04 15.77
N TYR D 203 24.78 -13.80 15.83
CA TYR D 203 24.22 -13.18 14.62
C TYR D 203 25.21 -12.19 14.08
N ILE D 204 25.26 -12.02 12.76
CA ILE D 204 26.29 -11.16 12.20
C ILE D 204 25.67 -9.85 11.67
N ASP D 205 26.28 -8.68 11.92
CA ASP D 205 25.83 -7.42 11.28
C ASP D 205 27.00 -6.61 10.67
N VAL D 206 26.70 -5.68 9.78
CA VAL D 206 27.63 -4.65 9.44
C VAL D 206 27.14 -3.37 10.07
N ASN D 207 27.97 -2.75 10.91
CA ASN D 207 27.64 -1.53 11.61
C ASN D 207 28.05 -0.32 10.79
N LEU D 208 27.07 0.48 10.42
CA LEU D 208 27.34 1.75 9.73
C LEU D 208 27.47 2.94 10.71
N VAL D 209 28.66 3.53 10.77
CA VAL D 209 28.94 4.65 11.69
C VAL D 209 29.21 5.93 10.87
N VAL D 210 28.43 6.99 11.08
CA VAL D 210 28.53 8.20 10.31
C VAL D 210 28.67 9.31 11.28
N LYS D 211 29.73 10.11 11.12
CA LYS D 211 29.86 11.39 11.82
C LYS D 211 29.48 12.51 10.84
N PHE D 212 28.54 13.37 11.18
CA PHE D 212 28.20 14.38 10.20
C PHE D 212 27.91 15.70 10.88
N ARG D 213 27.63 16.70 10.08
CA ARG D 213 27.37 18.02 10.65
C ARG D 213 26.76 18.95 9.62
N GLU D 214 26.10 19.98 10.14
CA GLU D 214 25.49 20.98 9.27
C GLU D 214 26.44 21.59 8.26
N ARG D 215 26.01 21.75 7.03
CA ARG D 215 26.87 22.49 6.11
C ARG D 215 27.03 23.96 6.51
N ARG D 216 28.25 24.49 6.40
CA ARG D 216 28.46 25.95 6.53
C ARG D 216 27.82 26.74 5.36
N ASP E 5 -22.43 -5.32 -34.38
CA ASP E 5 -22.24 -6.73 -34.90
C ASP E 5 -20.91 -6.98 -35.68
N ASP E 6 -20.46 -6.00 -36.46
CA ASP E 6 -19.07 -5.95 -36.90
C ASP E 6 -18.26 -5.72 -35.59
N LYS E 7 -19.01 -5.29 -34.58
CA LYS E 7 -18.49 -4.91 -33.32
C LYS E 7 -18.19 -6.11 -32.42
N LEU E 8 -18.85 -7.23 -32.64
CA LEU E 8 -18.41 -8.45 -31.96
C LEU E 8 -17.14 -9.02 -32.57
N HIS E 9 -17.02 -8.95 -33.89
CA HIS E 9 -15.82 -9.38 -34.63
C HIS E 9 -14.60 -8.55 -34.21
N SER E 10 -14.72 -7.22 -34.30
CA SER E 10 -13.60 -6.31 -33.98
C SER E 10 -13.04 -6.70 -32.63
N GLN E 11 -13.95 -7.02 -31.72
CA GLN E 11 -13.65 -7.34 -30.35
C GLN E 11 -12.95 -8.70 -30.23
N ALA E 12 -13.34 -9.69 -31.04
CA ALA E 12 -12.66 -11.00 -31.02
C ALA E 12 -11.32 -10.89 -31.71
N ASN E 13 -11.23 -10.04 -32.73
CA ASN E 13 -9.99 -9.85 -33.44
C ASN E 13 -8.91 -9.37 -32.49
N LEU E 14 -9.27 -8.37 -31.66
CA LEU E 14 -8.42 -7.83 -30.61
C LEU E 14 -8.02 -8.85 -29.52
N MET E 15 -8.96 -9.64 -29.02
CA MET E 15 -8.66 -10.59 -27.96
C MET E 15 -7.69 -11.62 -28.50
N ARG E 16 -7.91 -12.01 -29.75
CA ARG E 16 -7.04 -12.94 -30.41
C ARG E 16 -5.68 -12.31 -30.59
N LEU E 17 -5.67 -11.06 -30.98
CA LEU E 17 -4.41 -10.35 -31.11
C LEU E 17 -3.63 -10.39 -29.79
N LYS E 18 -4.25 -10.03 -28.67
CA LYS E 18 -3.64 -10.17 -27.35
C LYS E 18 -3.04 -11.55 -27.08
N SER E 19 -3.84 -12.61 -27.14
CA SER E 19 -3.33 -13.96 -26.97
C SER E 19 -2.10 -14.12 -27.83
N ASP E 20 -2.27 -13.98 -29.14
CA ASP E 20 -1.16 -14.27 -30.01
C ASP E 20 0.10 -13.51 -29.67
N LEU E 21 -0.02 -12.36 -29.05
CA LEU E 21 1.15 -11.60 -28.73
C LEU E 21 1.69 -11.90 -27.36
N PHE E 22 0.82 -12.17 -26.42
CA PHE E 22 1.31 -12.37 -25.08
C PHE E 22 1.77 -13.79 -24.79
N ASN E 23 0.86 -14.74 -24.81
CA ASN E 23 1.25 -16.13 -24.67
C ASN E 23 1.69 -16.74 -25.98
N ARG E 24 2.56 -16.03 -26.68
CA ARG E 24 3.30 -16.64 -27.77
C ARG E 24 4.40 -15.72 -28.25
N SER E 25 5.54 -16.28 -28.59
CA SER E 25 6.32 -17.07 -27.64
C SER E 25 5.89 -16.77 -26.22
N MET E 27 9.08 -15.16 -26.32
CA MET E 27 8.67 -14.33 -25.21
C MET E 27 9.84 -13.53 -24.65
N TYR E 28 9.57 -12.27 -24.31
CA TYR E 28 10.60 -11.23 -24.22
C TYR E 28 11.12 -11.05 -22.81
N PRO E 29 12.43 -11.01 -22.68
CA PRO E 29 13.09 -11.06 -21.39
C PRO E 29 13.71 -9.73 -21.03
N GLY E 30 13.30 -8.67 -21.70
CA GLY E 30 14.05 -7.44 -21.71
C GLY E 30 15.19 -7.45 -22.68
N PRO E 31 15.85 -6.30 -22.81
CA PRO E 31 16.99 -6.15 -23.74
C PRO E 31 18.29 -6.76 -23.24
N THR E 32 19.22 -7.03 -24.17
CA THR E 32 20.60 -7.52 -23.84
C THR E 32 21.64 -6.95 -24.79
N LYS E 33 22.91 -7.27 -24.56
CA LYS E 33 24.02 -6.79 -25.36
C LYS E 33 23.72 -7.25 -26.74
N ASP E 34 23.17 -8.47 -26.87
CA ASP E 34 22.82 -9.02 -28.21
C ASP E 34 21.61 -8.40 -28.85
N ASP E 35 20.70 -7.88 -28.02
CA ASP E 35 19.44 -7.38 -28.49
C ASP E 35 19.05 -6.12 -27.74
N PRO E 36 19.85 -5.05 -27.91
CA PRO E 36 19.69 -3.75 -27.20
C PRO E 36 18.54 -2.97 -27.73
N LEU E 37 18.16 -1.97 -26.99
CA LEU E 37 16.91 -1.29 -27.26
C LEU E 37 17.20 0.16 -27.05
N THR E 38 16.49 1.01 -27.81
CA THR E 38 16.58 2.44 -27.54
C THR E 38 15.25 2.98 -27.09
N VAL E 39 15.32 3.62 -25.93
CA VAL E 39 14.18 4.27 -25.32
C VAL E 39 14.28 5.75 -25.50
N THR E 40 13.26 6.34 -26.14
CA THR E 40 13.17 7.80 -26.25
C THR E 40 12.39 8.29 -25.00
N LEU E 41 12.96 9.25 -24.28
CA LEU E 41 12.29 9.93 -23.21
C LEU E 41 12.08 11.42 -23.47
N GLY E 42 10.97 11.97 -22.95
CA GLY E 42 10.79 13.41 -22.87
C GLY E 42 9.97 13.82 -21.67
N PHE E 43 10.26 14.94 -21.00
CA PHE E 43 9.55 15.33 -19.81
C PHE E 43 8.63 16.41 -20.11
N THR E 44 7.42 16.36 -19.53
CA THR E 44 6.49 17.52 -19.53
C THR E 44 6.31 17.93 -18.09
N LEU E 45 6.84 19.08 -17.71
CA LEU E 45 6.84 19.51 -16.32
C LEU E 45 5.55 20.22 -16.04
N GLN E 46 4.76 19.76 -15.08
CA GLN E 46 3.49 20.40 -14.78
C GLN E 46 3.49 21.39 -13.62
N ASP E 47 4.30 21.10 -12.61
CA ASP E 47 4.33 21.92 -11.43
C ASP E 47 5.53 21.63 -10.58
N ILE E 48 6.15 22.68 -10.08
CA ILE E 48 6.92 22.56 -8.87
C ILE E 48 6.05 22.83 -7.69
N VAL E 49 5.84 21.80 -6.89
CA VAL E 49 4.79 21.86 -5.88
C VAL E 49 5.25 22.45 -4.58
N LYS E 50 6.47 22.12 -4.15
CA LYS E 50 7.01 22.41 -2.84
C LYS E 50 8.53 22.41 -2.91
N ALA E 51 9.16 23.40 -2.25
CA ALA E 51 10.62 23.47 -2.14
C ALA E 51 10.91 23.51 -0.67
N ASP E 52 11.53 22.47 -0.13
CA ASP E 52 11.66 22.51 1.31
C ASP E 52 13.12 22.83 1.62
N SER E 53 13.39 23.98 2.20
CA SER E 53 14.82 24.32 2.41
C SER E 53 15.36 23.92 3.76
N SER E 54 14.54 23.24 4.55
CA SER E 54 15.11 22.64 5.75
C SER E 54 15.56 21.21 5.46
N THR E 55 15.24 20.64 4.31
CA THR E 55 15.69 19.26 4.05
C THR E 55 16.33 19.16 2.69
N ASN E 56 16.25 20.23 1.90
CA ASN E 56 16.77 20.30 0.55
C ASN E 56 16.15 19.23 -0.35
N GLU E 57 14.82 19.24 -0.36
CA GLU E 57 14.04 18.42 -1.24
C GLU E 57 13.11 19.33 -1.96
N VAL E 58 12.82 18.97 -3.17
CA VAL E 58 11.88 19.71 -3.98
C VAL E 58 10.93 18.67 -4.60
N ASP E 59 9.62 18.95 -4.65
CA ASP E 59 8.61 18.03 -5.26
C ASP E 59 8.19 18.52 -6.63
N LEU E 60 8.19 17.63 -7.63
CA LEU E 60 7.78 18.01 -8.95
C LEU E 60 6.66 17.13 -9.29
N VAL E 61 5.75 17.72 -10.05
CA VAL E 61 4.82 16.97 -10.77
C VAL E 61 5.11 17.07 -12.28
N TYR E 62 5.20 15.90 -12.96
CA TYR E 62 5.51 15.87 -14.37
C TYR E 62 4.96 14.57 -14.96
N TYR E 63 4.86 14.49 -16.27
CA TYR E 63 4.76 13.20 -16.86
C TYR E 63 5.88 13.00 -17.90
N GLU E 64 6.18 11.72 -18.15
CA GLU E 64 7.32 11.32 -18.89
C GLU E 64 6.85 10.57 -20.13
N GLN E 65 7.15 11.05 -21.32
CA GLN E 65 6.82 10.27 -22.48
C GLN E 65 7.90 9.23 -22.72
N GLN E 66 7.51 7.96 -22.74
CA GLN E 66 8.49 6.91 -23.00
C GLN E 66 8.10 6.17 -24.28
N ARG E 67 8.98 6.04 -25.27
CA ARG E 67 8.70 5.26 -26.46
C ARG E 67 9.84 4.28 -26.75
N TRP E 68 9.47 3.07 -27.15
CA TRP E 68 10.44 2.08 -27.65
C TRP E 68 9.75 1.18 -28.60
N LYS E 69 10.52 0.30 -29.24
CA LYS E 69 9.97 -0.57 -30.30
C LYS E 69 10.48 -2.01 -30.14
N LEU E 70 9.60 -3.02 -30.18
CA LEU E 70 10.05 -4.44 -30.05
C LEU E 70 9.55 -5.24 -31.20
N ASN E 71 10.43 -6.03 -31.80
CA ASN E 71 9.97 -7.00 -32.78
C ASN E 71 8.93 -7.99 -32.29
N SER E 72 9.07 -8.48 -31.06
CA SER E 72 8.10 -9.40 -30.52
C SER E 72 6.71 -8.82 -30.51
N LEU E 73 6.57 -7.60 -31.01
CA LEU E 73 5.35 -6.86 -30.82
C LEU E 73 4.74 -6.42 -32.12
N MET E 74 5.27 -6.90 -33.23
CA MET E 74 4.78 -6.52 -34.51
C MET E 74 3.62 -7.43 -34.91
N TRP E 75 2.69 -6.92 -35.73
CA TRP E 75 1.67 -7.77 -36.33
C TRP E 75 1.20 -7.17 -37.65
N ASP E 76 0.75 -8.00 -38.58
CA ASP E 76 0.02 -7.49 -39.72
C ASP E 76 -1.41 -7.19 -39.39
N PRO E 77 -1.77 -5.94 -39.57
CA PRO E 77 -3.13 -5.51 -39.35
C PRO E 77 -4.17 -6.28 -40.19
N ASN E 78 -3.86 -6.55 -41.47
CA ASN E 78 -4.75 -7.41 -42.32
C ASN E 78 -5.07 -8.80 -41.76
N GLU E 79 -4.19 -9.38 -40.95
CA GLU E 79 -4.52 -10.63 -40.31
C GLU E 79 -5.29 -10.52 -39.00
N TYR E 80 -5.66 -9.29 -38.63
CA TYR E 80 -6.25 -9.07 -37.32
C TYR E 80 -7.31 -7.98 -37.36
N GLY E 81 -8.02 -7.89 -38.47
CA GLY E 81 -9.19 -7.06 -38.54
C GLY E 81 -8.89 -5.70 -39.09
N ASN E 82 -7.66 -5.48 -39.51
CA ASN E 82 -7.15 -4.13 -39.76
C ASN E 82 -6.91 -3.33 -38.44
N ILE E 83 -6.83 -4.04 -37.30
CA ILE E 83 -6.37 -3.43 -36.08
C ILE E 83 -4.91 -2.95 -36.18
N THR E 84 -4.71 -1.66 -35.96
CA THR E 84 -3.40 -1.06 -36.09
C THR E 84 -2.75 -0.74 -34.72
N ASP E 85 -3.54 -0.67 -33.68
CA ASP E 85 -3.02 -0.38 -32.38
C ASP E 85 -3.99 -0.79 -31.27
N PHE E 86 -3.47 -0.93 -30.04
CA PHE E 86 -4.36 -1.19 -28.94
C PHE E 86 -3.85 -0.63 -27.63
N ARG E 87 -4.80 -0.41 -26.71
CA ARG E 87 -4.46 -0.02 -25.34
C ARG E 87 -4.29 -1.25 -24.51
N THR E 88 -3.27 -1.31 -23.67
CA THR E 88 -3.04 -2.51 -22.90
C THR E 88 -2.45 -2.12 -21.54
N SER E 89 -2.81 -2.89 -20.55
CA SER E 89 -2.18 -2.70 -19.24
C SER E 89 -0.63 -2.83 -19.31
N ALA E 90 0.05 -1.96 -18.60
CA ALA E 90 1.53 -1.95 -18.49
C ALA E 90 2.14 -3.22 -17.81
N ALA E 91 1.40 -3.82 -16.87
CA ALA E 91 1.74 -5.12 -16.31
C ALA E 91 1.83 -6.26 -17.37
N ASP E 92 1.24 -6.06 -18.54
CA ASP E 92 1.18 -7.11 -19.54
C ASP E 92 2.35 -7.08 -20.49
N ILE E 93 3.17 -6.04 -20.38
CA ILE E 93 4.25 -5.90 -21.34
C ILE E 93 5.48 -5.57 -20.52
N TRP E 94 6.67 -5.83 -21.07
CA TRP E 94 7.92 -5.33 -20.52
C TRP E 94 7.92 -3.79 -20.55
N THR E 95 8.33 -3.14 -19.50
CA THR E 95 8.53 -1.69 -19.58
C THR E 95 9.96 -1.29 -19.08
N PRO E 96 10.47 -0.15 -19.55
CA PRO E 96 11.81 0.13 -19.05
C PRO E 96 11.87 0.52 -17.55
N ASP E 97 12.93 0.18 -16.85
CA ASP E 97 13.02 0.53 -15.41
C ASP E 97 13.65 1.97 -15.22
N ILE E 98 13.10 2.98 -15.90
CA ILE E 98 13.67 4.36 -15.86
C ILE E 98 13.46 4.84 -14.44
N THR E 99 14.53 5.26 -13.78
CA THR E 99 14.48 5.75 -12.39
C THR E 99 15.18 7.11 -12.22
N ALA E 100 14.71 7.94 -11.29
CA ALA E 100 15.44 9.12 -10.91
C ALA E 100 16.54 8.65 -9.98
N TYR E 101 17.67 9.33 -10.03
CA TYR E 101 18.88 8.85 -9.41
C TYR E 101 19.12 9.57 -8.08
N SER E 102 18.24 10.48 -7.73
CA SER E 102 18.36 11.22 -6.47
C SER E 102 17.03 11.50 -5.80
N SER E 103 16.08 10.58 -5.96
CA SER E 103 14.83 10.66 -5.25
C SER E 103 15.00 10.59 -3.75
N THR E 104 14.07 11.17 -2.98
CA THR E 104 14.18 11.00 -1.60
C THR E 104 12.96 10.29 -1.05
N ARG E 105 12.00 9.93 -1.92
CA ARG E 105 10.77 9.21 -1.52
CA ARG E 105 10.80 9.17 -1.51
C ARG E 105 10.37 8.38 -2.74
N PRO E 106 9.68 7.25 -2.53
CA PRO E 106 9.25 6.55 -3.72
C PRO E 106 8.34 7.47 -4.57
N VAL E 107 8.45 7.36 -5.87
CA VAL E 107 7.67 8.13 -6.77
C VAL E 107 6.19 7.80 -6.60
N GLN E 108 5.34 8.81 -6.56
CA GLN E 108 3.91 8.45 -6.55
C GLN E 108 3.35 8.55 -7.96
N VAL E 109 2.60 7.56 -8.34
CA VAL E 109 2.10 7.44 -9.67
C VAL E 109 0.76 8.12 -9.79
N LEU E 110 0.58 8.94 -10.83
CA LEU E 110 -0.69 9.75 -10.95
C LEU E 110 -1.61 9.45 -12.12
N SER E 111 -1.24 8.51 -12.99
CA SER E 111 -2.07 8.19 -14.15
C SER E 111 -2.12 6.71 -14.29
N PRO E 112 -3.11 6.22 -15.00
CA PRO E 112 -3.24 4.81 -15.30
C PRO E 112 -1.97 4.09 -15.90
N GLN E 113 -1.62 2.95 -15.38
CA GLN E 113 -0.49 2.21 -15.92
C GLN E 113 -0.97 1.46 -17.17
N ILE E 114 -1.17 2.22 -18.26
CA ILE E 114 -1.78 1.66 -19.50
C ILE E 114 -0.94 2.20 -20.57
N ALA E 115 -0.57 1.34 -21.53
CA ALA E 115 0.27 1.77 -22.64
C ALA E 115 -0.46 1.57 -23.94
N VAL E 116 0.15 2.04 -25.03
CA VAL E 116 -0.48 1.91 -26.39
C VAL E 116 0.50 1.23 -27.27
N VAL E 117 0.08 0.13 -27.90
CA VAL E 117 0.98 -0.69 -28.77
C VAL E 117 0.51 -0.60 -30.16
N THR E 118 1.45 -0.28 -31.05
CA THR E 118 1.22 -0.19 -32.49
C THR E 118 1.75 -1.41 -33.23
N HIS E 119 1.13 -1.71 -34.37
CA HIS E 119 1.44 -2.95 -35.18
C HIS E 119 2.86 -3.12 -35.65
N ASP E 120 3.62 -2.04 -35.70
CA ASP E 120 5.03 -2.07 -36.04
C ASP E 120 5.87 -2.36 -34.82
N GLY E 121 5.25 -2.70 -33.71
CA GLY E 121 6.00 -2.99 -32.48
C GLY E 121 6.38 -1.80 -31.62
N SER E 122 5.87 -0.65 -31.97
CA SER E 122 6.28 0.49 -31.22
C SER E 122 5.34 0.72 -30.06
N VAL E 123 5.91 1.10 -28.90
CA VAL E 123 5.12 1.14 -27.70
C VAL E 123 5.20 2.52 -27.20
N MET E 124 4.09 3.06 -26.71
CA MET E 124 4.15 4.40 -26.12
C MET E 124 3.56 4.33 -24.74
N PHE E 125 4.18 5.01 -23.77
CA PHE E 125 3.75 4.94 -22.36
C PHE E 125 4.09 6.27 -21.69
N ILE E 126 3.14 6.89 -20.96
CA ILE E 126 3.33 8.29 -20.45
C ILE E 126 2.92 8.37 -19.01
N PRO E 127 3.78 7.86 -18.15
CA PRO E 127 3.42 7.86 -16.74
C PRO E 127 3.48 9.29 -16.17
N ALA E 128 2.38 9.75 -15.51
CA ALA E 128 2.49 10.98 -14.75
C ALA E 128 2.95 10.67 -13.31
N GLN E 129 3.87 11.48 -12.78
CA GLN E 129 4.49 11.14 -11.48
C GLN E 129 4.67 12.36 -10.58
N ARG E 130 4.66 12.13 -9.26
CA ARG E 130 5.10 13.14 -8.34
C ARG E 130 6.44 12.69 -7.73
N LEU E 131 7.46 13.53 -7.77
CA LEU E 131 8.81 13.15 -7.30
C LEU E 131 9.35 14.10 -6.25
N SER E 132 9.84 13.60 -5.10
CA SER E 132 10.68 14.43 -4.25
C SER E 132 12.14 14.05 -4.56
N PHE E 133 13.03 15.02 -4.76
CA PHE E 133 14.40 14.71 -5.02
C PHE E 133 15.31 15.75 -4.37
N MET E 134 16.59 15.37 -4.27
CA MET E 134 17.60 16.17 -3.60
C MET E 134 17.81 17.49 -4.36
N CYS E 135 17.53 18.63 -3.72
CA CYS E 135 17.68 19.91 -4.39
C CYS E 135 17.72 21.03 -3.36
N ASP E 136 18.72 21.86 -3.43
CA ASP E 136 18.87 22.94 -2.51
C ASP E 136 18.19 24.16 -3.11
N PRO E 137 17.03 24.58 -2.58
CA PRO E 137 16.38 25.72 -3.28
C PRO E 137 16.96 27.12 -2.98
N THR E 138 18.17 27.23 -2.44
CA THR E 138 18.78 28.56 -2.17
C THR E 138 18.70 29.55 -3.30
N GLY E 139 18.20 30.74 -3.02
CA GLY E 139 17.96 31.73 -4.05
C GLY E 139 16.68 31.66 -4.87
N VAL E 140 15.71 30.84 -4.51
CA VAL E 140 14.42 30.94 -5.17
C VAL E 140 13.80 32.30 -4.95
N ASP E 141 14.13 32.92 -3.83
CA ASP E 141 13.56 34.21 -3.46
C ASP E 141 14.33 35.34 -4.11
N SER E 142 15.13 35.05 -5.12
CA SER E 142 15.86 36.11 -5.75
C SER E 142 15.69 36.01 -7.28
N GLU E 143 16.25 36.98 -7.96
CA GLU E 143 16.02 37.20 -9.38
C GLU E 143 16.69 36.10 -10.18
N GLU E 144 17.89 35.71 -9.80
CA GLU E 144 18.57 34.64 -10.53
C GLU E 144 17.88 33.23 -10.36
N GLY E 145 17.15 33.06 -9.26
CA GLY E 145 16.52 31.82 -8.87
C GLY E 145 17.41 30.71 -8.36
N ALA E 146 16.84 29.52 -8.25
CA ALA E 146 17.59 28.39 -7.80
C ALA E 146 17.82 27.43 -8.95
N THR E 147 18.90 26.70 -8.89
CA THR E 147 19.05 25.66 -9.87
C THR E 147 19.01 24.28 -9.29
N CYS E 148 18.17 23.43 -9.85
CA CYS E 148 18.28 22.01 -9.52
C CYS E 148 18.47 21.04 -10.71
N ALA E 149 19.03 19.86 -10.41
CA ALA E 149 19.27 18.79 -11.38
C ALA E 149 18.97 17.41 -10.85
N VAL E 150 18.47 16.53 -11.68
CA VAL E 150 18.23 15.13 -11.35
C VAL E 150 18.35 14.30 -12.65
N LYS E 151 19.07 13.20 -12.61
CA LYS E 151 19.21 12.34 -13.72
C LYS E 151 18.22 11.19 -13.68
N PHE E 152 17.80 10.75 -14.86
CA PHE E 152 17.01 9.55 -15.02
C PHE E 152 17.68 8.55 -15.97
N GLY E 153 17.63 7.27 -15.60
CA GLY E 153 18.17 6.25 -16.48
C GLY E 153 17.77 4.94 -15.89
N SER E 154 18.04 3.86 -16.61
CA SER E 154 17.81 2.53 -16.18
C SER E 154 18.66 2.34 -14.92
N TRP E 155 18.15 1.59 -13.97
CA TRP E 155 18.88 1.36 -12.78
C TRP E 155 19.74 0.15 -13.03
N VAL E 156 19.33 -0.79 -13.87
CA VAL E 156 20.08 -2.06 -13.94
C VAL E 156 20.67 -2.36 -15.27
N TYR E 157 20.32 -1.57 -16.28
CA TYR E 157 20.81 -1.87 -17.65
C TYR E 157 21.82 -0.81 -18.01
N SER E 158 22.92 -1.19 -18.63
CA SER E 158 23.91 -0.27 -18.99
C SER E 158 23.63 0.17 -20.43
N GLY E 159 24.41 1.09 -20.98
CA GLY E 159 24.17 1.55 -22.35
C GLY E 159 24.34 0.51 -23.44
N PHE E 160 24.83 -0.66 -23.08
CA PHE E 160 24.96 -1.75 -24.02
C PHE E 160 23.69 -2.56 -24.17
N GLU E 161 22.78 -2.42 -23.22
CA GLU E 161 21.46 -3.03 -23.36
C GLU E 161 20.37 -1.97 -23.65
N ILE E 162 20.43 -0.83 -22.99
CA ILE E 162 19.39 0.17 -23.15
C ILE E 162 19.98 1.55 -23.44
N ASP E 163 19.59 2.10 -24.57
CA ASP E 163 20.16 3.40 -24.92
C ASP E 163 19.06 4.41 -24.84
N LEU E 164 19.36 5.60 -24.35
CA LEU E 164 18.30 6.57 -24.31
C LEU E 164 18.53 7.58 -25.38
N LYS E 165 17.44 8.03 -25.95
CA LYS E 165 17.49 9.21 -26.78
C LYS E 165 16.46 10.23 -26.41
N THR E 166 16.69 11.47 -26.86
CA THR E 166 15.69 12.52 -26.68
C THR E 166 15.43 13.11 -28.02
N ASP E 167 14.26 13.74 -28.15
CA ASP E 167 13.85 14.44 -29.35
C ASP E 167 14.28 15.87 -29.28
N THR E 168 14.31 16.41 -28.07
CA THR E 168 14.66 17.81 -27.80
C THR E 168 15.46 17.88 -26.49
N ASP E 169 16.16 18.97 -26.22
CA ASP E 169 16.70 19.09 -24.89
C ASP E 169 15.97 20.18 -24.10
N GLN E 170 14.80 20.57 -24.64
CA GLN E 170 13.87 21.48 -23.96
C GLN E 170 12.83 20.67 -23.24
N VAL E 171 12.73 20.79 -21.93
CA VAL E 171 11.61 20.18 -21.26
C VAL E 171 10.30 20.83 -21.74
N ASP E 172 9.27 20.04 -21.95
CA ASP E 172 7.99 20.62 -22.36
C ASP E 172 7.34 21.44 -21.17
N LEU E 173 7.35 22.77 -21.30
CA LEU E 173 6.73 23.59 -20.26
C LEU E 173 5.35 24.09 -20.65
N SER E 174 4.83 23.58 -21.72
CA SER E 174 3.61 24.15 -22.23
C SER E 174 2.38 23.74 -21.38
N SER E 175 2.48 22.77 -20.50
CA SER E 175 1.37 22.72 -19.53
C SER E 175 1.81 23.02 -18.12
N TYR E 176 2.83 23.85 -17.98
CA TYR E 176 3.29 24.13 -16.65
C TYR E 176 2.14 24.93 -15.96
N TYR E 177 1.90 24.72 -14.68
CA TYR E 177 0.80 25.38 -13.98
C TYR E 177 0.98 26.90 -13.87
N ALA E 178 0.10 27.68 -14.49
CA ALA E 178 0.39 29.08 -14.71
C ALA E 178 0.33 29.85 -13.36
N SER E 179 -0.27 29.23 -12.33
CA SER E 179 -0.25 29.83 -10.94
C SER E 179 0.56 28.99 -9.92
N SER E 180 1.56 28.26 -10.37
CA SER E 180 2.47 27.65 -9.45
C SER E 180 3.00 28.69 -8.48
N LYS E 181 3.41 28.27 -7.28
CA LYS E 181 4.22 29.11 -6.39
C LYS E 181 5.57 29.42 -7.01
N TYR E 182 5.96 28.62 -8.03
CA TYR E 182 7.26 28.79 -8.73
C TYR E 182 7.17 29.06 -10.23
N GLU E 183 7.86 30.09 -10.70
CA GLU E 183 8.02 30.22 -12.20
C GLU E 183 9.23 29.45 -12.71
N ILE E 184 9.18 28.86 -13.89
CA ILE E 184 10.37 28.24 -14.45
C ILE E 184 11.13 29.22 -15.27
N LEU E 185 12.42 29.39 -14.98
CA LEU E 185 13.27 30.19 -15.83
C LEU E 185 13.90 29.42 -16.96
N SER E 186 14.21 28.15 -16.76
CA SER E 186 14.59 27.23 -17.85
C SER E 186 14.54 25.80 -17.38
N ALA E 187 14.37 24.91 -18.32
CA ALA E 187 14.21 23.51 -18.02
C ALA E 187 14.70 22.71 -19.18
N THR E 188 15.78 21.97 -18.96
CA THR E 188 16.40 21.25 -20.05
C THR E 188 16.60 19.82 -19.67
N GLN E 189 16.66 19.00 -20.71
CA GLN E 189 16.84 17.58 -20.48
C GLN E 189 17.90 17.09 -21.46
N THR E 190 19.05 16.67 -20.94
CA THR E 190 20.29 16.41 -21.76
C THR E 190 20.75 14.99 -21.63
N ARG E 191 20.79 14.25 -22.73
CA ARG E 191 21.45 12.95 -22.75
C ARG E 191 22.91 13.02 -22.35
N GLN E 192 23.31 12.20 -21.38
CA GLN E 192 24.75 12.14 -21.00
C GLN E 192 25.28 10.66 -21.02
N VAL E 193 26.52 10.47 -21.49
CA VAL E 193 27.18 9.15 -21.50
C VAL E 193 28.34 9.21 -20.56
N GLN E 194 28.40 8.30 -19.60
CA GLN E 194 29.60 8.22 -18.75
C GLN E 194 30.03 6.85 -18.43
N HIS E 195 31.23 6.76 -17.87
CA HIS E 195 31.85 5.49 -17.45
C HIS E 195 32.13 5.69 -15.98
N TYR E 196 31.90 4.63 -15.23
CA TYR E 196 32.12 4.62 -13.81
C TYR E 196 33.13 3.53 -13.63
N SER E 197 34.38 3.93 -13.54
CA SER E 197 35.48 2.99 -13.73
C SER E 197 35.42 1.79 -12.78
N CYS E 198 34.48 1.79 -11.84
CA CYS E 198 33.89 0.53 -11.35
C CYS E 198 33.65 -0.48 -12.47
N CYS E 199 33.30 0.01 -13.65
CA CYS E 199 32.87 -0.84 -14.74
C CYS E 199 33.10 -0.15 -16.08
N PRO E 200 33.43 -0.94 -17.09
CA PRO E 200 34.11 -0.43 -18.29
C PRO E 200 33.14 0.04 -19.36
N GLU E 201 31.96 -0.56 -19.36
CA GLU E 201 30.79 -0.18 -20.20
C GLU E 201 30.09 1.18 -19.89
N PRO E 202 29.64 1.87 -20.96
CA PRO E 202 29.04 3.19 -20.95
C PRO E 202 27.71 3.14 -20.25
N TYR E 203 27.35 4.22 -19.59
CA TYR E 203 26.07 4.35 -18.96
C TYR E 203 25.39 5.59 -19.44
N ILE E 204 24.09 5.49 -19.63
CA ILE E 204 23.39 6.59 -20.18
C ILE E 204 22.36 7.11 -19.27
N ASP E 205 22.22 8.42 -19.24
CA ASP E 205 21.16 9.03 -18.46
C ASP E 205 20.72 10.29 -19.21
N VAL E 206 19.60 10.81 -18.76
CA VAL E 206 19.02 12.09 -19.20
C VAL E 206 18.91 12.99 -17.97
N ASN E 207 19.61 14.09 -18.04
CA ASN E 207 19.79 14.95 -16.88
C ASN E 207 18.82 16.06 -16.93
N LEU E 208 17.90 16.10 -15.99
CA LEU E 208 16.96 17.18 -15.91
C LEU E 208 17.54 18.36 -15.16
N VAL E 209 17.73 19.48 -15.85
CA VAL E 209 18.19 20.72 -15.17
C VAL E 209 17.08 21.79 -15.10
N VAL E 210 16.70 22.20 -13.89
CA VAL E 210 15.63 23.18 -13.77
C VAL E 210 16.01 24.37 -12.97
N LYS E 211 15.64 25.51 -13.52
CA LYS E 211 15.89 26.82 -12.89
C LYS E 211 14.60 27.55 -12.52
N PHE E 212 14.49 28.01 -11.29
CA PHE E 212 13.17 28.37 -10.84
C PHE E 212 13.24 29.42 -9.75
N ARG E 213 12.17 30.22 -9.60
CA ARG E 213 12.10 31.23 -8.54
C ARG E 213 10.66 31.49 -8.09
N GLU E 214 10.46 32.00 -6.89
CA GLU E 214 9.11 32.20 -6.43
C GLU E 214 8.39 33.07 -7.46
N ARG E 215 7.10 32.86 -7.70
CA ARG E 215 6.39 33.68 -8.67
C ARG E 215 6.21 35.07 -8.11
N ARG E 216 6.41 36.06 -8.98
CA ARG E 216 6.53 37.46 -8.57
C ARG E 216 5.29 38.32 -8.87
#